data_6JKY
#
_entry.id   6JKY
#
_cell.length_a   104.325
_cell.length_b   107.605
_cell.length_c   263.845
_cell.angle_alpha   90.000
_cell.angle_beta   90.000
_cell.angle_gamma   90.000
#
_symmetry.space_group_name_H-M   'C 2 2 21'
#
loop_
_entity.id
_entity.type
_entity.pdbx_description
1 polymer MvcA
2 polymer 'Ubiquitin-conjugating enzyme E2 N'
3 polymer Ub
4 water water
#
loop_
_entity_poly.entity_id
_entity_poly.type
_entity_poly.pdbx_seq_one_letter_code
_entity_poly.pdbx_strand_id
1 'polypeptide(L)'
;ASLESPGFMVHKKLKSMSQSYGVMMTGVPAEVLGQMQAERSIPSINKTGNLKQQIAKEVSKVCHMMTEPTQSAGQASNDV
CELLLGKIEAEKFHFTKYEALSADGDNLKNVLENTAPSSTNLLIRFEIDREDPPIVLVKTKNENFNPETAVKNKIYLLEN
KLYFIDKMGNLFNLGPGKKKCTQLFNAIGDSAEYSLCDPFVLEEPEKPEDFAISEIVDIFNEQKERFDFWIGSHSFTIYI
PQTLGESPRQFYPYQAYFGSHTLQDWFVSDKDEYLSRIGIDKYIEKLAVLGKTTNTKERSDIYAEFFSKRGREAFFCAHL
NEKRQPLRVKFKITEINPELALKNLQETQEFIDTHPGENPSDKVENYRNRAKLAMTEHLESLLDI
;
A,D
2 'polypeptide(L)'
;MAGLPRRIIKETQRLLAEPVPGIKAEPDESNARYFHVVIAGPQDSPFEGGTFKLELFLPEEYPMAAPKVRFMTKIYHPNV
DKLGRICLDILKDAWSPALQIRTVLLSIQALLSAPNPDDPLANDVAEQWKTNEAQAIETARAWTRLYAMNNI
;
B,E
3 'polypeptide(L)' CGSMQIFVKTLTGKTITLEVEPSDTIENVKAKIQDKEGIPPDQQRLIFAGKQLEDGRTLSDYNIQKESTLHLVLRLRGG C,F
#
# COMPACT_ATOMS: atom_id res chain seq x y z
N SER A 2 -14.58 40.54 -52.21
CA SER A 2 -15.87 40.71 -51.55
C SER A 2 -16.00 39.80 -50.33
N LEU A 3 -17.24 39.53 -49.93
CA LEU A 3 -17.51 38.82 -48.69
C LEU A 3 -17.54 37.31 -48.91
N GLU A 4 -17.41 36.58 -47.81
CA GLU A 4 -17.52 35.13 -47.83
C GLU A 4 -18.98 34.71 -47.68
N SER A 5 -19.23 33.42 -47.91
CA SER A 5 -20.58 32.89 -47.80
C SER A 5 -21.02 32.87 -46.34
N PRO A 6 -22.34 32.82 -46.09
CA PRO A 6 -22.79 32.64 -44.70
C PRO A 6 -22.34 31.33 -44.09
N GLY A 7 -22.28 30.25 -44.89
CA GLY A 7 -21.81 28.99 -44.37
C GLY A 7 -20.38 29.05 -43.88
N PHE A 8 -19.50 29.70 -44.65
CA PHE A 8 -18.13 29.89 -44.20
C PHE A 8 -18.06 30.81 -43.00
N MET A 9 -18.98 31.77 -42.90
CA MET A 9 -19.00 32.67 -41.75
C MET A 9 -19.21 31.88 -40.46
N VAL A 10 -19.98 30.79 -40.53
CA VAL A 10 -20.18 29.94 -39.36
C VAL A 10 -18.86 29.39 -38.87
N HIS A 11 -18.04 28.86 -39.80
CA HIS A 11 -16.74 28.32 -39.43
C HIS A 11 -15.87 29.39 -38.78
N LYS A 12 -15.77 30.55 -39.44
CA LYS A 12 -14.91 31.62 -38.93
C LYS A 12 -15.35 32.07 -37.54
N LYS A 13 -16.66 32.20 -37.33
CA LYS A 13 -17.15 32.67 -36.03
C LYS A 13 -16.93 31.60 -34.96
N LEU A 14 -17.25 30.35 -35.27
CA LEU A 14 -17.05 29.26 -34.31
C LEU A 14 -15.60 29.16 -33.88
N LYS A 15 -14.68 29.15 -34.85
CA LYS A 15 -13.26 28.97 -34.55
C LYS A 15 -12.70 30.14 -33.76
N SER A 16 -12.96 31.37 -34.22
CA SER A 16 -12.37 32.54 -33.57
C SER A 16 -12.96 32.75 -32.18
N MET A 17 -14.26 32.50 -32.01
CA MET A 17 -14.85 32.57 -30.68
C MET A 17 -14.30 31.48 -29.77
N SER A 18 -14.19 30.25 -30.28
CA SER A 18 -13.68 29.14 -29.47
C SER A 18 -12.23 29.37 -29.09
N GLN A 19 -11.44 29.95 -30.00
CA GLN A 19 -10.06 30.31 -29.70
C GLN A 19 -9.99 31.22 -28.49
N SER A 20 -10.80 32.29 -28.49
CA SER A 20 -10.67 33.38 -27.53
C SER A 20 -11.44 33.13 -26.23
N TYR A 21 -12.60 32.48 -26.28
CA TYR A 21 -13.48 32.42 -25.13
C TYR A 21 -13.57 31.05 -24.48
N GLY A 22 -13.07 30.00 -25.14
CA GLY A 22 -12.89 28.69 -24.54
C GLY A 22 -14.05 28.12 -23.74
N VAL A 23 -13.94 28.17 -22.41
CA VAL A 23 -14.92 27.56 -21.54
C VAL A 23 -16.26 28.29 -21.59
N MET A 24 -16.27 29.56 -22.02
CA MET A 24 -17.52 30.32 -22.03
C MET A 24 -18.44 29.91 -23.17
N MET A 25 -17.91 29.28 -24.21
CA MET A 25 -18.70 28.87 -25.37
C MET A 25 -19.86 27.95 -24.98
N THR A 26 -19.81 27.43 -23.75
CA THR A 26 -20.89 26.60 -23.23
C THR A 26 -22.17 27.41 -23.03
N GLY A 27 -22.05 28.67 -22.65
CA GLY A 27 -23.21 29.49 -22.37
C GLY A 27 -23.84 29.26 -21.02
N VAL A 28 -23.20 28.48 -20.15
CA VAL A 28 -23.71 28.21 -18.81
C VAL A 28 -23.21 29.31 -17.88
N PRO A 29 -24.08 29.89 -17.06
CA PRO A 29 -23.63 30.95 -16.15
C PRO A 29 -22.59 30.43 -15.17
N ALA A 30 -21.54 31.24 -14.96
CA ALA A 30 -20.45 30.85 -14.08
C ALA A 30 -20.94 30.47 -12.69
N GLU A 31 -22.07 31.05 -12.26
CA GLU A 31 -22.66 30.67 -10.99
C GLU A 31 -23.07 29.21 -10.99
N VAL A 32 -23.69 28.75 -12.09
CA VAL A 32 -24.20 27.38 -12.14
C VAL A 32 -23.05 26.38 -12.14
N LEU A 33 -21.94 26.71 -12.81
CA LEU A 33 -20.77 25.84 -12.80
C LEU A 33 -20.29 25.57 -11.38
N GLY A 34 -20.14 26.64 -10.59
CA GLY A 34 -19.67 26.47 -9.21
C GLY A 34 -20.62 25.64 -8.37
N GLN A 35 -21.92 25.93 -8.47
CA GLN A 35 -22.90 25.13 -7.73
C GLN A 35 -22.85 23.66 -8.13
N MET A 36 -22.52 23.37 -9.39
CA MET A 36 -22.46 21.99 -9.84
C MET A 36 -21.22 21.28 -9.30
N GLN A 37 -20.05 21.91 -9.41
CA GLN A 37 -18.83 21.31 -8.87
C GLN A 37 -18.91 21.17 -7.36
N ALA A 38 -19.47 22.17 -6.67
CA ALA A 38 -19.66 22.08 -5.23
C ALA A 38 -20.49 20.87 -4.86
N GLU A 39 -21.44 20.48 -5.72
CA GLU A 39 -22.22 19.26 -5.46
C GLU A 39 -21.35 18.02 -5.58
N ARG A 40 -20.37 18.04 -6.49
CA ARG A 40 -19.50 16.88 -6.66
C ARG A 40 -18.42 16.81 -5.59
N SER A 41 -18.04 17.94 -5.03
CA SER A 41 -16.95 18.00 -4.06
C SER A 41 -17.43 17.90 -2.62
N ILE A 42 -18.73 18.05 -2.38
CA ILE A 42 -19.23 18.10 -1.01
C ILE A 42 -18.91 16.85 -0.20
N PRO A 43 -18.95 15.62 -0.75
CA PRO A 43 -18.65 14.48 0.14
C PRO A 43 -17.19 14.42 0.56
N SER A 44 -16.25 14.85 -0.31
CA SER A 44 -14.83 14.83 0.04
C SER A 44 -14.53 15.65 1.28
N ILE A 45 -15.44 16.55 1.64
CA ILE A 45 -15.41 17.33 2.87
C ILE A 45 -15.94 16.48 4.01
N ASN A 46 -15.28 16.52 5.16
CA ASN A 46 -15.80 15.83 6.34
C ASN A 46 -16.16 16.84 7.41
N LYS A 47 -17.44 16.82 7.83
CA LYS A 47 -17.93 17.75 8.85
C LYS A 47 -17.07 17.74 10.10
N THR A 48 -16.53 16.58 10.46
CA THR A 48 -15.77 16.48 11.71
C THR A 48 -14.51 17.30 11.65
N GLY A 49 -13.97 17.55 10.45
CA GLY A 49 -12.69 18.20 10.31
C GLY A 49 -12.78 19.72 10.34
N ASN A 50 -11.67 20.33 9.94
CA ASN A 50 -11.63 21.78 9.74
C ASN A 50 -12.37 22.11 8.45
N LEU A 51 -13.36 22.99 8.54
CA LEU A 51 -14.29 23.18 7.42
C LEU A 51 -13.64 23.99 6.31
N LYS A 52 -13.22 25.22 6.60
CA LYS A 52 -12.72 26.10 5.54
C LYS A 52 -11.42 25.56 4.94
N GLN A 53 -10.48 25.14 5.78
CA GLN A 53 -9.24 24.56 5.27
C GLN A 53 -9.51 23.45 4.27
N GLN A 54 -10.46 22.56 4.58
CA GLN A 54 -10.83 21.51 3.65
C GLN A 54 -11.55 22.05 2.42
N ILE A 55 -12.32 23.14 2.58
CA ILE A 55 -12.99 23.75 1.43
C ILE A 55 -11.96 24.33 0.46
N ALA A 56 -11.02 25.11 0.98
CA ALA A 56 -9.99 25.73 0.14
C ALA A 56 -9.16 24.66 -0.57
N LYS A 57 -8.76 23.63 0.17
CA LYS A 57 -8.06 22.50 -0.44
C LYS A 57 -8.92 21.86 -1.54
N GLU A 58 -10.18 21.57 -1.22
CA GLU A 58 -11.06 20.99 -2.23
C GLU A 58 -11.25 21.94 -3.40
N VAL A 59 -11.32 23.26 -3.14
CA VAL A 59 -11.37 24.22 -4.23
C VAL A 59 -10.09 24.19 -5.05
N SER A 60 -8.94 24.36 -4.38
CA SER A 60 -7.65 24.46 -5.06
C SER A 60 -7.40 23.26 -5.96
N LYS A 61 -7.86 22.07 -5.54
CA LYS A 61 -7.62 20.86 -6.32
C LYS A 61 -8.50 20.80 -7.57
N VAL A 62 -9.72 21.37 -7.54
CA VAL A 62 -10.58 21.33 -8.72
C VAL A 62 -10.76 22.71 -9.35
N CYS A 63 -10.22 23.77 -8.75
CA CYS A 63 -10.54 25.11 -9.23
C CYS A 63 -10.16 25.31 -10.69
N HIS A 64 -9.09 24.64 -11.15
CA HIS A 64 -8.57 24.83 -12.50
C HIS A 64 -9.00 23.70 -13.45
N MET A 65 -10.13 23.06 -13.18
CA MET A 65 -10.68 22.08 -14.11
C MET A 65 -12.14 22.34 -14.41
N MET A 66 -12.93 22.70 -13.39
CA MET A 66 -14.23 23.31 -13.56
C MET A 66 -14.18 24.46 -14.55
N THR A 67 -12.98 25.02 -14.71
CA THR A 67 -12.77 26.34 -15.25
C THR A 67 -12.13 26.35 -16.63
N GLU A 68 -11.68 25.20 -17.12
CA GLU A 68 -11.21 25.02 -18.48
C GLU A 68 -12.18 24.15 -19.27
N PRO A 69 -12.18 24.22 -20.60
CA PRO A 69 -13.22 23.51 -21.36
C PRO A 69 -12.99 22.01 -21.42
N THR A 70 -14.05 21.30 -21.81
CA THR A 70 -14.04 19.85 -21.81
C THR A 70 -13.04 19.28 -22.80
N GLN A 71 -12.52 18.10 -22.47
CA GLN A 71 -11.66 17.33 -23.35
C GLN A 71 -12.40 16.25 -24.12
N SER A 72 -13.64 15.96 -23.75
CA SER A 72 -14.37 14.83 -24.31
C SER A 72 -14.68 15.08 -25.79
N ALA A 73 -14.19 14.18 -26.64
CA ALA A 73 -14.47 14.28 -28.07
C ALA A 73 -15.96 14.26 -28.36
N GLY A 74 -16.71 13.46 -27.60
CA GLY A 74 -18.15 13.39 -27.82
C GLY A 74 -18.86 14.68 -27.42
N GLN A 75 -18.45 15.27 -26.29
CA GLN A 75 -19.08 16.52 -25.85
C GLN A 75 -18.77 17.67 -26.79
N ALA A 76 -17.52 17.74 -27.28
CA ALA A 76 -17.18 18.77 -28.26
C ALA A 76 -18.01 18.63 -29.51
N SER A 77 -18.22 17.39 -29.99
CA SER A 77 -19.12 17.17 -31.10
C SER A 77 -20.54 17.58 -30.76
N ASN A 78 -20.98 17.28 -29.53
CA ASN A 78 -22.30 17.74 -29.08
C ASN A 78 -22.38 19.26 -29.11
N ASP A 79 -21.35 19.93 -28.60
CA ASP A 79 -21.35 21.40 -28.59
C ASP A 79 -21.41 21.96 -30.00
N VAL A 80 -20.59 21.40 -30.91
CA VAL A 80 -20.60 21.84 -32.30
C VAL A 80 -21.99 21.65 -32.89
N CYS A 81 -22.60 20.49 -32.63
CA CYS A 81 -23.89 20.17 -33.23
C CYS A 81 -24.98 21.11 -32.74
N GLU A 82 -24.96 21.46 -31.45
CA GLU A 82 -25.99 22.34 -30.92
C GLU A 82 -25.87 23.74 -31.51
N LEU A 83 -24.66 24.26 -31.64
CA LEU A 83 -24.48 25.61 -32.17
C LEU A 83 -24.92 25.69 -33.62
N LEU A 84 -24.58 24.68 -34.42
CA LEU A 84 -24.83 24.71 -35.85
C LEU A 84 -26.23 24.21 -36.23
N LEU A 85 -26.94 23.54 -35.32
CA LEU A 85 -28.26 23.00 -35.63
C LEU A 85 -29.36 23.48 -34.71
N GLY A 86 -29.03 23.96 -33.51
CA GLY A 86 -30.05 24.21 -32.51
C GLY A 86 -30.44 22.94 -31.78
N LYS A 87 -31.00 23.12 -30.59
CA LYS A 87 -31.29 21.99 -29.71
C LYS A 87 -32.15 20.93 -30.39
N ILE A 88 -33.27 21.34 -30.98
CA ILE A 88 -34.26 20.39 -31.47
C ILE A 88 -33.70 19.57 -32.62
N GLU A 89 -33.10 20.24 -33.61
CA GLU A 89 -32.55 19.52 -34.75
C GLU A 89 -31.31 18.73 -34.39
N ALA A 90 -30.57 19.15 -33.36
CA ALA A 90 -29.42 18.37 -32.91
C ALA A 90 -29.87 17.05 -32.30
N GLU A 91 -30.99 17.05 -31.58
CA GLU A 91 -31.53 15.81 -31.03
C GLU A 91 -32.04 14.91 -32.14
N LYS A 92 -32.67 15.50 -33.17
CA LYS A 92 -33.06 14.72 -34.34
C LYS A 92 -31.84 14.11 -35.02
N PHE A 93 -30.77 14.91 -35.18
CA PHE A 93 -29.53 14.39 -35.76
C PHE A 93 -28.99 13.22 -34.95
N HIS A 94 -29.05 13.32 -33.62
CA HIS A 94 -28.48 12.28 -32.77
C HIS A 94 -29.16 10.93 -32.98
N PHE A 95 -30.44 10.92 -33.33
CA PHE A 95 -31.17 9.67 -33.46
C PHE A 95 -31.22 9.12 -34.87
N THR A 96 -30.81 9.89 -35.88
CA THR A 96 -30.46 9.29 -37.15
C THR A 96 -29.22 8.43 -36.96
N LYS A 97 -29.16 7.31 -37.69
CA LYS A 97 -28.21 6.26 -37.38
C LYS A 97 -26.92 6.41 -38.18
N TYR A 98 -25.84 5.88 -37.60
CA TYR A 98 -24.54 5.88 -38.25
C TYR A 98 -24.51 4.86 -39.38
N GLU A 99 -23.68 5.15 -40.39
CA GLU A 99 -23.36 4.19 -41.44
C GLU A 99 -21.87 3.92 -41.42
N ALA A 100 -21.49 2.68 -41.67
CA ALA A 100 -20.08 2.30 -41.67
C ALA A 100 -19.42 2.77 -42.95
N LEU A 101 -18.21 3.32 -42.82
CA LEU A 101 -17.46 3.76 -43.98
C LEU A 101 -17.12 2.56 -44.86
N SER A 102 -17.52 2.63 -46.13
CA SER A 102 -17.27 1.53 -47.04
C SER A 102 -15.76 1.33 -47.23
N ALA A 103 -15.42 0.19 -47.84
CA ALA A 103 -14.03 -0.29 -47.82
C ALA A 103 -13.04 0.74 -48.38
N ASP A 104 -13.45 1.50 -49.38
CA ASP A 104 -12.59 2.53 -49.96
C ASP A 104 -13.10 3.94 -49.66
N GLY A 105 -14.10 4.08 -48.79
CA GLY A 105 -14.71 5.35 -48.53
C GLY A 105 -15.69 5.83 -49.57
N ASP A 106 -16.06 4.95 -50.52
CA ASP A 106 -16.83 5.39 -51.67
C ASP A 106 -18.22 5.87 -51.29
N ASN A 107 -18.82 5.32 -50.24
CA ASN A 107 -20.18 5.72 -49.89
C ASN A 107 -20.22 7.16 -49.38
N LEU A 108 -19.23 7.56 -48.59
CA LEU A 108 -19.16 8.96 -48.16
C LEU A 108 -18.70 9.85 -49.30
N LYS A 109 -17.75 9.38 -50.11
CA LYS A 109 -17.31 10.14 -51.27
C LYS A 109 -18.47 10.39 -52.24
N ASN A 110 -19.35 9.40 -52.40
CA ASN A 110 -20.44 9.54 -53.36
C ASN A 110 -21.47 10.54 -52.88
N VAL A 111 -21.82 10.52 -51.59
CA VAL A 111 -22.81 11.45 -51.07
C VAL A 111 -22.31 12.89 -51.18
N LEU A 112 -21.03 13.11 -50.85
CA LEU A 112 -20.45 14.44 -51.01
C LEU A 112 -20.53 14.91 -52.47
N GLU A 113 -20.23 14.00 -53.40
CA GLU A 113 -20.24 14.38 -54.82
C GLU A 113 -21.65 14.63 -55.31
N ASN A 114 -22.65 13.96 -54.75
CA ASN A 114 -24.03 14.14 -55.18
C ASN A 114 -24.69 15.33 -54.50
N THR A 115 -23.90 16.34 -54.16
CA THR A 115 -24.40 17.59 -53.61
C THR A 115 -23.67 18.74 -54.28
N ALA A 116 -24.39 19.80 -54.59
CA ALA A 116 -23.80 20.96 -55.24
C ALA A 116 -22.97 21.74 -54.23
N PRO A 117 -21.68 21.97 -54.48
CA PRO A 117 -20.86 22.73 -53.52
C PRO A 117 -21.37 24.14 -53.29
N SER A 118 -21.92 24.79 -54.32
CA SER A 118 -22.41 26.15 -54.17
C SER A 118 -23.77 26.22 -53.48
N SER A 119 -24.54 25.15 -53.51
CA SER A 119 -25.92 25.18 -53.03
C SER A 119 -26.06 24.89 -51.54
N THR A 120 -25.13 24.12 -50.96
CA THR A 120 -25.40 23.44 -49.70
C THR A 120 -24.27 23.66 -48.69
N ASN A 121 -24.63 23.52 -47.42
CA ASN A 121 -23.70 23.44 -46.30
C ASN A 121 -23.92 22.13 -45.57
N LEU A 122 -22.83 21.44 -45.22
CA LEU A 122 -22.91 20.07 -44.71
C LEU A 122 -22.18 19.94 -43.39
N LEU A 123 -22.71 19.09 -42.51
CA LEU A 123 -22.06 18.71 -41.27
C LEU A 123 -21.98 17.19 -41.21
N ILE A 124 -20.76 16.66 -41.11
CA ILE A 124 -20.53 15.23 -40.97
C ILE A 124 -20.07 15.00 -39.53
N ARG A 125 -20.67 14.04 -38.86
CA ARG A 125 -20.26 13.63 -37.53
C ARG A 125 -19.75 12.19 -37.59
N PHE A 126 -18.56 11.96 -37.05
CA PHE A 126 -17.91 10.66 -37.11
C PHE A 126 -17.87 10.02 -35.73
N GLU A 127 -17.85 8.69 -35.72
CA GLU A 127 -17.59 7.90 -34.52
C GLU A 127 -16.66 6.76 -34.91
N ILE A 128 -15.59 6.59 -34.15
CA ILE A 128 -14.58 5.55 -34.41
C ILE A 128 -14.58 4.59 -33.24
N ASP A 129 -14.81 3.31 -33.53
CA ASP A 129 -14.83 2.28 -32.50
C ASP A 129 -13.49 1.54 -32.43
N ARG A 130 -13.16 1.05 -31.25
CA ARG A 130 -12.10 0.07 -31.09
C ARG A 130 -12.70 -1.32 -31.09
N GLU A 131 -11.86 -2.31 -31.39
CA GLU A 131 -12.18 -3.69 -31.05
C GLU A 131 -11.61 -3.98 -29.67
N ASP A 132 -12.48 -4.42 -28.76
CA ASP A 132 -12.14 -4.65 -27.36
C ASP A 132 -12.32 -6.15 -27.06
N PRO A 133 -11.45 -7.00 -27.62
CA PRO A 133 -11.65 -8.44 -27.50
C PRO A 133 -11.44 -8.90 -26.07
N PRO A 134 -11.91 -10.10 -25.73
CA PRO A 134 -11.61 -10.64 -24.40
C PRO A 134 -10.11 -10.84 -24.22
N ILE A 135 -9.64 -10.61 -23.00
CA ILE A 135 -8.21 -10.65 -22.71
C ILE A 135 -7.85 -11.63 -21.59
N VAL A 136 -8.82 -12.34 -21.00
CA VAL A 136 -8.49 -13.33 -19.99
C VAL A 136 -9.29 -14.60 -20.21
N LEU A 137 -8.72 -15.71 -19.76
CA LEU A 137 -9.29 -17.04 -19.86
C LEU A 137 -9.59 -17.55 -18.46
N VAL A 138 -10.80 -18.06 -18.25
CA VAL A 138 -11.22 -18.59 -16.95
C VAL A 138 -11.49 -20.07 -17.12
N LYS A 139 -10.81 -20.89 -16.31
CA LYS A 139 -11.05 -22.32 -16.24
C LYS A 139 -11.90 -22.61 -15.01
N THR A 140 -13.10 -23.12 -15.24
CA THR A 140 -13.97 -23.59 -14.17
C THR A 140 -14.34 -25.05 -14.44
N LYS A 141 -14.85 -25.70 -13.40
CA LYS A 141 -15.60 -26.92 -13.58
C LYS A 141 -17.04 -26.56 -13.89
N ASN A 142 -17.73 -27.46 -14.61
CA ASN A 142 -19.14 -27.22 -14.93
C ASN A 142 -19.97 -26.99 -13.68
N GLU A 143 -19.58 -27.60 -12.56
CA GLU A 143 -20.33 -27.43 -11.32
C GLU A 143 -20.12 -26.05 -10.72
N ASN A 144 -19.00 -25.39 -11.00
CA ASN A 144 -18.73 -24.06 -10.51
C ASN A 144 -19.06 -22.97 -11.53
N PHE A 145 -19.72 -23.32 -12.63
CA PHE A 145 -20.03 -22.38 -13.69
C PHE A 145 -21.48 -21.93 -13.53
N ASN A 146 -21.67 -20.63 -13.25
CA ASN A 146 -22.99 -20.02 -13.19
C ASN A 146 -23.14 -19.08 -14.38
N PRO A 147 -23.84 -19.49 -15.44
CA PRO A 147 -23.87 -18.65 -16.66
C PRO A 147 -24.59 -17.33 -16.47
N GLU A 148 -25.54 -17.26 -15.54
CA GLU A 148 -26.19 -15.99 -15.24
C GLU A 148 -25.19 -14.95 -14.74
N THR A 149 -24.34 -15.35 -13.79
CA THR A 149 -23.56 -14.41 -12.99
C THR A 149 -22.09 -14.35 -13.37
N ALA A 150 -21.67 -15.07 -14.41
CA ALA A 150 -20.26 -15.06 -14.77
C ALA A 150 -19.84 -13.70 -15.31
N VAL A 151 -18.61 -13.30 -14.99
CA VAL A 151 -18.10 -12.02 -15.47
C VAL A 151 -18.07 -12.03 -16.99
N LYS A 152 -18.54 -10.94 -17.59
CA LYS A 152 -18.72 -10.86 -19.03
C LYS A 152 -17.44 -10.43 -19.73
N ASN A 153 -17.40 -10.67 -21.05
CA ASN A 153 -16.24 -10.38 -21.91
C ASN A 153 -15.03 -11.22 -21.52
N LYS A 154 -15.24 -12.53 -21.41
CA LYS A 154 -14.16 -13.47 -21.12
C LYS A 154 -14.42 -14.77 -21.88
N ILE A 155 -13.37 -15.57 -22.01
CA ILE A 155 -13.46 -16.93 -22.54
C ILE A 155 -13.45 -17.90 -21.37
N TYR A 156 -14.36 -18.86 -21.37
CA TYR A 156 -14.49 -19.81 -20.28
C TYR A 156 -14.23 -21.21 -20.79
N LEU A 157 -13.24 -21.87 -20.20
CA LEU A 157 -12.94 -23.26 -20.50
C LEU A 157 -13.61 -24.15 -19.44
N LEU A 158 -14.55 -24.96 -19.87
CA LEU A 158 -15.15 -25.98 -19.04
C LEU A 158 -14.54 -27.34 -19.38
N GLU A 159 -14.92 -28.35 -18.61
CA GLU A 159 -14.40 -29.70 -18.87
C GLU A 159 -14.74 -30.14 -20.29
N ASN A 160 -15.95 -29.85 -20.75
CA ASN A 160 -16.43 -30.34 -22.04
C ASN A 160 -17.00 -29.22 -22.91
N LYS A 161 -16.54 -27.99 -22.72
CA LYS A 161 -17.06 -26.88 -23.51
C LYS A 161 -16.13 -25.68 -23.38
N LEU A 162 -16.20 -24.80 -24.37
CA LEU A 162 -15.39 -23.58 -24.42
C LEU A 162 -16.28 -22.44 -24.89
N TYR A 163 -16.60 -21.51 -23.99
CA TYR A 163 -17.51 -20.42 -24.26
C TYR A 163 -16.78 -19.07 -24.29
N PHE A 164 -17.18 -18.23 -25.24
CA PHE A 164 -16.93 -16.80 -25.15
C PHE A 164 -18.20 -16.14 -24.64
N ILE A 165 -18.12 -15.49 -23.49
CA ILE A 165 -19.21 -14.69 -22.95
C ILE A 165 -18.96 -13.24 -23.36
N ASP A 166 -19.93 -12.64 -24.06
CA ASP A 166 -19.74 -11.30 -24.58
C ASP A 166 -20.29 -10.26 -23.60
N LYS A 167 -20.30 -9.00 -24.02
CA LYS A 167 -20.66 -7.91 -23.11
C LYS A 167 -22.14 -7.85 -22.81
N MET A 168 -22.98 -8.48 -23.63
CA MET A 168 -24.42 -8.53 -23.39
C MET A 168 -24.86 -9.83 -22.75
N GLY A 169 -23.91 -10.69 -22.36
CA GLY A 169 -24.28 -11.92 -21.68
C GLY A 169 -24.63 -13.08 -22.57
N ASN A 170 -24.33 -13.00 -23.87
CA ASN A 170 -24.47 -14.15 -24.75
C ASN A 170 -23.29 -15.09 -24.57
N LEU A 171 -23.57 -16.38 -24.54
CA LEU A 171 -22.54 -17.42 -24.43
C LEU A 171 -22.40 -18.09 -25.80
N PHE A 172 -21.31 -17.78 -26.49
CA PHE A 172 -21.04 -18.34 -27.82
C PHE A 172 -20.18 -19.59 -27.69
N ASN A 173 -20.69 -20.71 -28.21
CA ASN A 173 -19.91 -21.93 -28.29
C ASN A 173 -18.79 -21.74 -29.30
N LEU A 174 -17.54 -21.86 -28.85
CA LEU A 174 -16.42 -21.63 -29.73
C LEU A 174 -16.10 -22.81 -30.63
N GLY A 175 -16.73 -23.97 -30.43
CA GLY A 175 -16.55 -25.07 -31.36
C GLY A 175 -16.06 -26.39 -30.81
N PRO A 176 -14.91 -26.40 -30.10
CA PRO A 176 -14.28 -27.67 -29.73
C PRO A 176 -15.22 -28.64 -29.05
N GLY A 177 -15.03 -29.92 -29.36
CA GLY A 177 -15.81 -30.97 -28.77
C GLY A 177 -15.26 -31.43 -27.44
N LYS A 178 -15.84 -32.52 -26.94
CA LYS A 178 -15.54 -32.96 -25.57
C LYS A 178 -14.09 -33.38 -25.42
N LYS A 179 -13.53 -34.08 -26.42
CA LYS A 179 -12.16 -34.56 -26.31
C LYS A 179 -11.16 -33.40 -26.33
N LYS A 180 -11.33 -32.47 -27.28
CA LYS A 180 -10.41 -31.34 -27.36
C LYS A 180 -10.50 -30.46 -26.12
N CYS A 181 -11.71 -30.24 -25.61
CA CYS A 181 -11.86 -29.50 -24.36
C CYS A 181 -11.20 -30.26 -23.21
N THR A 182 -11.37 -31.58 -23.18
CA THR A 182 -10.67 -32.40 -22.19
C THR A 182 -9.17 -32.11 -22.22
N GLN A 183 -8.58 -32.20 -23.41
CA GLN A 183 -7.14 -31.98 -23.58
C GLN A 183 -6.71 -30.62 -23.05
N LEU A 184 -7.42 -29.56 -23.47
CA LEU A 184 -7.08 -28.21 -23.05
C LEU A 184 -7.29 -28.02 -21.55
N PHE A 185 -8.43 -28.49 -21.04
CA PHE A 185 -8.78 -28.24 -19.63
C PHE A 185 -7.71 -28.79 -18.68
N ASN A 186 -7.19 -29.98 -18.95
CA ASN A 186 -6.19 -30.60 -18.10
C ASN A 186 -4.77 -30.19 -18.46
N ALA A 187 -4.56 -29.55 -19.62
CA ALA A 187 -3.25 -29.04 -19.96
C ALA A 187 -2.85 -27.84 -19.10
N ILE A 188 -3.81 -27.20 -18.44
CA ILE A 188 -3.61 -25.85 -17.93
C ILE A 188 -3.21 -25.86 -16.47
N GLY A 189 -4.17 -26.05 -15.56
CA GLY A 189 -3.84 -26.15 -14.15
C GLY A 189 -4.80 -25.38 -13.27
N ASP A 190 -4.35 -25.11 -12.05
CA ASP A 190 -5.24 -24.76 -10.94
C ASP A 190 -5.49 -23.27 -10.79
N SER A 191 -4.80 -22.40 -11.51
CA SER A 191 -5.10 -20.98 -11.41
C SER A 191 -6.51 -20.71 -11.92
N ALA A 192 -7.17 -19.71 -11.33
CA ALA A 192 -8.50 -19.34 -11.76
C ALA A 192 -8.48 -18.75 -13.17
N GLU A 193 -7.69 -17.69 -13.35
CA GLU A 193 -7.72 -16.92 -14.59
C GLU A 193 -6.33 -16.79 -15.18
N TYR A 194 -6.27 -16.75 -16.50
CA TYR A 194 -5.04 -16.56 -17.25
C TYR A 194 -5.23 -15.44 -18.26
N SER A 195 -4.11 -14.92 -18.75
CA SER A 195 -4.16 -13.89 -19.78
C SER A 195 -4.19 -14.54 -21.16
N LEU A 196 -4.99 -13.97 -22.04
CA LEU A 196 -5.01 -14.38 -23.45
C LEU A 196 -4.00 -13.60 -24.29
N CYS A 197 -3.33 -12.60 -23.69
CA CYS A 197 -2.52 -11.67 -24.46
C CYS A 197 -1.16 -11.40 -23.83
N ASP A 198 -0.66 -12.31 -22.99
CA ASP A 198 0.69 -12.20 -22.45
C ASP A 198 1.68 -12.65 -23.52
N PRO A 199 2.51 -11.74 -24.05
CA PRO A 199 3.45 -12.14 -25.11
C PRO A 199 4.47 -13.16 -24.66
N PHE A 200 4.82 -13.18 -23.37
CA PHE A 200 5.75 -14.20 -22.89
C PHE A 200 5.10 -15.57 -22.85
N VAL A 201 3.78 -15.63 -22.66
CA VAL A 201 3.07 -16.91 -22.73
C VAL A 201 2.88 -17.33 -24.18
N LEU A 202 2.60 -16.37 -25.07
CA LEU A 202 2.21 -16.67 -26.43
C LEU A 202 3.39 -16.87 -27.39
N GLU A 203 4.51 -16.18 -27.18
CA GLU A 203 5.63 -16.28 -28.10
C GLU A 203 6.81 -17.09 -27.55
N GLU A 204 6.82 -17.40 -26.26
CA GLU A 204 7.76 -18.34 -25.67
C GLU A 204 6.99 -19.47 -24.98
N PRO A 205 6.31 -20.34 -25.75
CA PRO A 205 5.55 -21.44 -25.13
C PRO A 205 6.47 -22.52 -24.58
N GLU A 206 6.54 -22.63 -23.25
CA GLU A 206 7.40 -23.60 -22.60
C GLU A 206 6.64 -24.82 -22.08
N LYS A 207 5.55 -24.59 -21.35
CA LYS A 207 4.76 -25.64 -20.73
C LYS A 207 3.63 -26.06 -21.67
N PRO A 208 3.02 -27.22 -21.42
CA PRO A 208 1.75 -27.53 -22.10
C PRO A 208 0.64 -26.53 -21.82
N GLU A 209 0.69 -25.83 -20.67
CA GLU A 209 -0.32 -24.83 -20.38
C GLU A 209 -0.22 -23.65 -21.34
N ASP A 210 1.00 -23.25 -21.71
CA ASP A 210 1.16 -22.15 -22.66
C ASP A 210 0.68 -22.56 -24.05
N PHE A 211 1.02 -23.78 -24.48
CA PHE A 211 0.56 -24.26 -25.78
C PHE A 211 -0.96 -24.35 -25.84
N ALA A 212 -1.61 -24.64 -24.71
CA ALA A 212 -3.07 -24.73 -24.69
C ALA A 212 -3.70 -23.35 -24.77
N ILE A 213 -3.16 -22.38 -24.03
CA ILE A 213 -3.68 -21.02 -24.09
C ILE A 213 -3.49 -20.43 -25.49
N SER A 214 -2.35 -20.74 -26.12
CA SER A 214 -2.12 -20.28 -27.49
C SER A 214 -3.10 -20.90 -28.45
N GLU A 215 -3.42 -22.20 -28.26
CA GLU A 215 -4.39 -22.85 -29.14
C GLU A 215 -5.79 -22.29 -28.95
N ILE A 216 -6.13 -21.85 -27.73
CA ILE A 216 -7.43 -21.24 -27.49
C ILE A 216 -7.49 -19.87 -28.16
N VAL A 217 -6.36 -19.14 -28.16
CA VAL A 217 -6.30 -17.87 -28.86
C VAL A 217 -6.49 -18.08 -30.36
N ASP A 218 -5.89 -19.13 -30.90
CA ASP A 218 -6.06 -19.43 -32.32
C ASP A 218 -7.50 -19.77 -32.65
N ILE A 219 -8.14 -20.60 -31.81
CA ILE A 219 -9.54 -20.96 -32.03
C ILE A 219 -10.41 -19.71 -32.03
N PHE A 220 -10.16 -18.79 -31.08
CA PHE A 220 -10.97 -17.58 -30.99
C PHE A 220 -10.75 -16.68 -32.20
N ASN A 221 -9.49 -16.32 -32.46
CA ASN A 221 -9.16 -15.50 -33.62
C ASN A 221 -9.74 -16.08 -34.91
N GLU A 222 -9.84 -17.42 -34.98
CA GLU A 222 -10.38 -18.05 -36.16
C GLU A 222 -11.85 -17.71 -36.37
N GLN A 223 -12.56 -17.36 -35.29
CA GLN A 223 -13.99 -17.12 -35.35
C GLN A 223 -14.38 -15.68 -35.07
N LYS A 224 -13.40 -14.75 -35.08
CA LYS A 224 -13.67 -13.38 -34.64
C LYS A 224 -14.84 -12.76 -35.39
N GLU A 225 -15.00 -13.09 -36.67
CA GLU A 225 -16.06 -12.48 -37.47
C GLU A 225 -17.45 -12.81 -36.96
N ARG A 226 -17.58 -13.81 -36.08
CA ARG A 226 -18.88 -14.15 -35.53
C ARG A 226 -19.40 -13.08 -34.57
N PHE A 227 -18.51 -12.35 -33.92
CA PHE A 227 -18.85 -11.58 -32.73
C PHE A 227 -18.74 -10.07 -32.98
N ASP A 228 -19.12 -9.32 -31.95
CA ASP A 228 -19.10 -7.86 -31.95
C ASP A 228 -18.53 -7.41 -30.61
N PHE A 229 -17.25 -7.01 -30.61
CA PHE A 229 -16.63 -6.40 -29.44
C PHE A 229 -16.20 -4.96 -29.74
N TRP A 230 -16.90 -4.31 -30.66
CA TRP A 230 -16.64 -2.90 -30.93
C TRP A 230 -17.06 -2.05 -29.74
N ILE A 231 -16.25 -1.05 -29.41
CA ILE A 231 -16.56 -0.10 -28.35
C ILE A 231 -16.24 1.30 -28.84
N GLY A 232 -17.15 2.23 -28.58
CA GLY A 232 -17.00 3.59 -29.11
C GLY A 232 -15.83 4.30 -28.47
N SER A 233 -14.95 4.86 -29.30
CA SER A 233 -13.70 5.44 -28.84
C SER A 233 -13.59 6.94 -29.12
N HIS A 234 -13.54 7.33 -30.39
CA HIS A 234 -13.28 8.70 -30.76
C HIS A 234 -14.47 9.30 -31.49
N SER A 235 -14.63 10.62 -31.38
CA SER A 235 -15.70 11.34 -32.03
C SER A 235 -15.12 12.63 -32.62
N PHE A 236 -15.55 12.98 -33.83
CA PHE A 236 -15.20 14.27 -34.41
C PHE A 236 -16.23 14.62 -35.48
N THR A 237 -16.16 15.86 -35.93
CA THR A 237 -17.06 16.39 -36.94
C THR A 237 -16.26 17.04 -38.06
N ILE A 238 -16.87 17.11 -39.24
CA ILE A 238 -16.31 17.83 -40.37
C ILE A 238 -17.38 18.78 -40.89
N TYR A 239 -17.02 20.06 -41.03
CA TYR A 239 -17.92 21.07 -41.57
C TYR A 239 -17.44 21.46 -42.96
N ILE A 240 -18.36 21.45 -43.91
CA ILE A 240 -18.08 21.76 -45.30
C ILE A 240 -18.95 22.93 -45.72
N PRO A 241 -18.43 24.16 -45.68
CA PRO A 241 -19.25 25.32 -46.00
C PRO A 241 -19.49 25.45 -47.50
N GLN A 242 -20.57 26.17 -47.84
CA GLN A 242 -20.93 26.36 -49.24
C GLN A 242 -19.92 27.26 -49.94
N THR A 243 -19.73 27.01 -51.23
CA THR A 243 -18.80 27.80 -52.02
C THR A 243 -19.49 29.02 -52.61
N LEU A 244 -18.67 29.98 -53.03
CA LEU A 244 -19.14 31.10 -53.83
C LEU A 244 -18.62 30.93 -55.26
N GLY A 245 -19.54 30.97 -56.21
CA GLY A 245 -19.15 30.85 -57.61
C GLY A 245 -18.49 29.52 -57.90
N GLU A 246 -17.33 29.58 -58.54
CA GLU A 246 -16.61 28.39 -58.99
C GLU A 246 -15.48 27.98 -58.05
N SER A 247 -15.41 28.57 -56.86
CA SER A 247 -14.33 28.26 -55.94
C SER A 247 -14.40 26.79 -55.51
N PRO A 248 -13.27 26.16 -55.21
CA PRO A 248 -13.28 24.75 -54.83
C PRO A 248 -13.78 24.56 -53.40
N ARG A 249 -14.27 23.36 -53.13
CA ARG A 249 -14.85 23.10 -51.83
C ARG A 249 -13.78 22.77 -50.80
N GLN A 250 -14.05 23.14 -49.56
CA GLN A 250 -13.13 22.95 -48.46
C GLN A 250 -13.83 22.24 -47.31
N PHE A 251 -13.08 21.44 -46.57
CA PHE A 251 -13.57 20.73 -45.39
C PHE A 251 -12.73 21.12 -44.19
N TYR A 252 -13.37 21.13 -43.02
CA TYR A 252 -12.70 21.52 -41.78
C TYR A 252 -13.04 20.52 -40.69
N PRO A 253 -12.06 19.80 -40.15
CA PRO A 253 -12.36 18.86 -39.06
C PRO A 253 -12.26 19.49 -37.69
N TYR A 254 -13.30 19.32 -36.86
CA TYR A 254 -13.35 19.85 -35.50
C TYR A 254 -13.35 18.68 -34.52
N GLN A 255 -12.52 18.78 -33.49
CA GLN A 255 -12.44 17.70 -32.50
C GLN A 255 -11.85 18.20 -31.20
N ALA A 256 -12.10 17.42 -30.15
CA ALA A 256 -11.37 17.43 -28.89
C ALA A 256 -10.93 15.99 -28.61
N TYR A 257 -10.19 15.78 -27.51
CA TYR A 257 -9.61 14.46 -27.28
C TYR A 257 -9.33 14.28 -25.79
N PHE A 258 -10.02 13.34 -25.16
CA PHE A 258 -9.87 13.08 -23.74
C PHE A 258 -8.41 12.81 -23.39
N GLY A 259 -7.96 13.41 -22.29
CA GLY A 259 -6.60 13.22 -21.83
C GLY A 259 -5.57 13.91 -22.70
N SER A 260 -6.03 14.79 -23.59
CA SER A 260 -5.12 15.42 -24.54
C SER A 260 -5.39 16.91 -24.72
N HIS A 261 -6.50 17.26 -25.35
CA HIS A 261 -6.73 18.66 -25.71
C HIS A 261 -8.22 18.93 -25.86
N THR A 262 -8.54 20.21 -26.05
CA THR A 262 -9.90 20.70 -26.19
C THR A 262 -10.15 21.21 -27.60
N LEU A 263 -11.42 21.51 -27.90
CA LEU A 263 -11.75 22.20 -29.13
C LEU A 263 -10.97 23.49 -29.27
N GLN A 264 -10.84 24.24 -28.17
CA GLN A 264 -10.08 25.48 -28.18
C GLN A 264 -8.62 25.23 -28.55
N ASP A 265 -8.01 24.19 -27.98
CA ASP A 265 -6.63 23.85 -28.36
C ASP A 265 -6.54 23.47 -29.83
N TRP A 266 -7.54 22.74 -30.33
CA TRP A 266 -7.55 22.34 -31.73
C TRP A 266 -7.56 23.56 -32.65
N PHE A 267 -8.39 24.55 -32.33
CA PHE A 267 -8.51 25.72 -33.18
C PHE A 267 -7.29 26.64 -33.05
N VAL A 268 -6.80 26.84 -31.83
CA VAL A 268 -5.63 27.70 -31.63
C VAL A 268 -4.42 27.13 -32.37
N SER A 269 -4.28 25.80 -32.35
CA SER A 269 -3.20 25.15 -33.07
C SER A 269 -3.37 25.22 -34.59
N ASP A 270 -4.54 25.65 -35.08
CA ASP A 270 -4.85 25.73 -36.51
C ASP A 270 -4.72 24.39 -37.20
N LYS A 271 -4.76 23.28 -36.45
CA LYS A 271 -4.68 21.97 -37.10
C LYS A 271 -5.87 21.72 -38.01
N ASP A 272 -7.04 22.28 -37.66
CA ASP A 272 -8.20 22.20 -38.56
C ASP A 272 -7.86 22.74 -39.93
N GLU A 273 -7.09 23.83 -39.98
CA GLU A 273 -6.68 24.40 -41.26
C GLU A 273 -5.63 23.53 -41.94
N TYR A 274 -4.68 23.01 -41.16
CA TYR A 274 -3.61 22.19 -41.74
C TYR A 274 -4.18 20.95 -42.42
N LEU A 275 -5.07 20.24 -41.73
CA LEU A 275 -5.69 19.05 -42.33
C LEU A 275 -6.55 19.44 -43.53
N SER A 276 -7.22 20.60 -43.47
CA SER A 276 -8.06 21.05 -44.57
C SER A 276 -7.30 21.10 -45.88
N ARG A 277 -5.99 21.34 -45.83
CA ARG A 277 -5.21 21.55 -47.04
C ARG A 277 -4.97 20.27 -47.83
N ILE A 278 -5.14 19.09 -47.21
CA ILE A 278 -4.97 17.86 -48.00
C ILE A 278 -6.18 17.60 -48.88
N GLY A 279 -7.34 18.13 -48.51
CA GLY A 279 -8.54 17.90 -49.30
C GLY A 279 -9.37 16.75 -48.77
N ILE A 280 -10.69 16.85 -48.96
CA ILE A 280 -11.61 15.87 -48.37
C ILE A 280 -11.42 14.49 -49.00
N ASP A 281 -11.06 14.43 -50.28
CA ASP A 281 -10.93 13.13 -50.94
C ASP A 281 -9.77 12.34 -50.36
N LYS A 282 -8.64 12.99 -50.09
CA LYS A 282 -7.50 12.30 -49.50
C LYS A 282 -7.80 11.89 -48.06
N TYR A 283 -8.44 12.78 -47.30
CA TYR A 283 -8.82 12.48 -45.92
C TYR A 283 -9.65 11.21 -45.84
N ILE A 284 -10.68 11.10 -46.68
CA ILE A 284 -11.54 9.92 -46.69
C ILE A 284 -10.73 8.67 -47.00
N GLU A 285 -9.80 8.77 -47.96
CA GLU A 285 -8.96 7.63 -48.31
C GLU A 285 -8.18 7.14 -47.08
N LYS A 286 -7.50 8.05 -46.39
CA LYS A 286 -6.76 7.67 -45.19
C LYS A 286 -7.70 7.15 -44.11
N LEU A 287 -8.92 7.69 -44.03
CA LEU A 287 -9.91 7.13 -43.11
C LEU A 287 -10.29 5.72 -43.49
N ALA A 288 -10.34 5.41 -44.79
CA ALA A 288 -10.65 4.05 -45.22
C ALA A 288 -9.49 3.10 -44.93
N VAL A 289 -8.26 3.54 -45.20
CA VAL A 289 -7.09 2.72 -44.86
C VAL A 289 -7.05 2.44 -43.37
N LEU A 290 -7.39 3.45 -42.56
CA LEU A 290 -7.37 3.29 -41.10
C LEU A 290 -8.24 2.13 -40.64
N GLY A 291 -9.43 1.99 -41.24
CA GLY A 291 -10.30 0.88 -40.89
C GLY A 291 -10.01 -0.40 -41.65
N LYS A 292 -9.36 -0.29 -42.81
CA LYS A 292 -9.05 -1.47 -43.61
C LYS A 292 -7.77 -2.16 -43.15
N THR A 293 -6.83 -1.41 -42.59
CA THR A 293 -5.50 -1.93 -42.35
C THR A 293 -5.47 -2.92 -41.20
N THR A 294 -4.57 -3.91 -41.31
CA THR A 294 -4.21 -4.79 -40.22
C THR A 294 -2.80 -4.49 -39.72
N ASN A 295 -2.16 -3.43 -40.24
CA ASN A 295 -0.79 -3.09 -39.92
C ASN A 295 -0.78 -2.06 -38.79
N THR A 296 -0.18 -2.45 -37.66
CA THR A 296 -0.24 -1.61 -36.46
C THR A 296 0.45 -0.26 -36.68
N LYS A 297 1.56 -0.25 -37.43
CA LYS A 297 2.28 0.99 -37.65
C LYS A 297 1.50 1.94 -38.57
N GLU A 298 0.86 1.40 -39.60
CA GLU A 298 0.06 2.23 -40.49
C GLU A 298 -1.16 2.79 -39.77
N ARG A 299 -1.85 1.95 -39.00
CA ARG A 299 -2.99 2.42 -38.21
C ARG A 299 -2.59 3.52 -37.25
N SER A 300 -1.46 3.33 -36.56
CA SER A 300 -1.00 4.33 -35.60
C SER A 300 -0.57 5.62 -36.28
N ASP A 301 -0.02 5.53 -37.50
CA ASP A 301 0.47 6.72 -38.19
C ASP A 301 -0.67 7.65 -38.59
N ILE A 302 -1.70 7.10 -39.23
CA ILE A 302 -2.83 7.91 -39.69
C ILE A 302 -3.60 8.46 -38.51
N TYR A 303 -3.94 7.60 -37.55
CA TYR A 303 -4.62 8.01 -36.33
C TYR A 303 -3.94 9.22 -35.69
N ALA A 304 -2.60 9.21 -35.68
CA ALA A 304 -1.87 10.34 -35.13
C ALA A 304 -1.89 11.54 -36.06
N GLU A 305 -1.77 11.33 -37.36
CA GLU A 305 -1.76 12.45 -38.29
C GLU A 305 -3.05 13.25 -38.22
N PHE A 306 -4.18 12.57 -38.06
CA PHE A 306 -5.48 13.23 -38.06
C PHE A 306 -5.92 13.69 -36.68
N PHE A 307 -5.68 12.88 -35.64
CA PHE A 307 -6.33 13.07 -34.35
C PHE A 307 -5.38 13.49 -33.24
N SER A 308 -4.08 13.61 -33.51
CA SER A 308 -3.17 14.04 -32.46
C SER A 308 -3.26 15.54 -32.24
N LYS A 309 -3.00 15.95 -31.01
CA LYS A 309 -2.66 17.33 -30.74
C LYS A 309 -1.50 17.74 -31.64
N ARG A 310 -1.58 18.94 -32.20
CA ARG A 310 -0.56 19.36 -33.15
C ARG A 310 0.81 19.39 -32.50
N GLY A 311 1.79 18.77 -33.16
CA GLY A 311 3.14 18.66 -32.65
C GLY A 311 3.49 17.27 -32.13
N ARG A 312 2.49 16.52 -31.68
CA ARG A 312 2.69 15.21 -31.08
C ARG A 312 2.45 14.06 -32.06
N GLU A 313 2.55 14.32 -33.37
CA GLU A 313 2.18 13.31 -34.36
C GLU A 313 3.09 12.08 -34.26
N ALA A 314 4.39 12.29 -34.11
CA ALA A 314 5.31 11.16 -33.96
C ALA A 314 5.24 10.52 -32.58
N PHE A 315 4.43 11.06 -31.67
CA PHE A 315 4.39 10.60 -30.29
C PHE A 315 3.00 10.20 -29.81
N PHE A 316 1.94 10.63 -30.50
CA PHE A 316 0.58 10.36 -30.06
C PHE A 316 0.20 8.90 -30.13
N CYS A 317 0.89 8.10 -30.95
CA CYS A 317 0.50 6.71 -31.15
C CYS A 317 1.70 5.77 -31.15
N ALA A 318 2.71 6.07 -30.36
CA ALA A 318 3.89 5.23 -30.21
C ALA A 318 3.94 4.64 -28.81
N HIS A 319 4.62 3.50 -28.70
CA HIS A 319 4.90 2.83 -27.42
C HIS A 319 3.57 2.47 -26.76
N LEU A 320 3.26 2.99 -25.57
CA LEU A 320 2.04 2.57 -24.88
C LEU A 320 0.77 2.94 -25.65
N ASN A 321 0.86 3.84 -26.63
CA ASN A 321 -0.30 4.33 -27.34
C ASN A 321 -0.40 3.80 -28.76
N GLU A 322 0.27 2.68 -29.05
CA GLU A 322 0.17 2.07 -30.37
C GLU A 322 -1.26 1.58 -30.60
N LYS A 323 -1.73 1.73 -31.85
CA LYS A 323 -3.05 1.24 -32.24
C LYS A 323 -2.91 -0.22 -32.65
N ARG A 324 -3.03 -1.11 -31.69
CA ARG A 324 -2.77 -2.53 -31.92
C ARG A 324 -4.02 -3.30 -32.32
N GLN A 325 -5.24 -2.74 -32.06
CA GLN A 325 -6.52 -3.32 -32.44
C GLN A 325 -7.11 -2.60 -33.64
N PRO A 326 -7.84 -3.30 -34.50
CA PRO A 326 -8.47 -2.64 -35.65
C PRO A 326 -9.51 -1.62 -35.22
N LEU A 327 -9.87 -0.75 -36.17
CA LEU A 327 -10.78 0.36 -35.90
C LEU A 327 -11.88 0.39 -36.94
N ARG A 328 -13.02 0.97 -36.55
CA ARG A 328 -14.20 1.10 -37.41
C ARG A 328 -14.61 2.56 -37.46
N VAL A 329 -14.78 3.09 -38.66
CA VAL A 329 -15.13 4.50 -38.87
C VAL A 329 -16.56 4.57 -39.38
N LYS A 330 -17.40 5.32 -38.66
CA LYS A 330 -18.79 5.52 -39.03
C LYS A 330 -19.07 7.01 -39.14
N PHE A 331 -20.15 7.34 -39.85
CA PHE A 331 -20.48 8.74 -40.11
C PHE A 331 -21.99 8.90 -40.26
N LYS A 332 -22.42 10.17 -40.26
CA LYS A 332 -23.77 10.56 -40.60
C LYS A 332 -23.74 12.02 -41.03
N ILE A 333 -24.74 12.40 -41.84
CA ILE A 333 -24.70 13.63 -42.63
C ILE A 333 -25.98 14.42 -42.42
N THR A 334 -25.84 15.73 -42.27
CA THR A 334 -26.98 16.63 -42.32
C THR A 334 -26.55 17.97 -42.92
N GLU A 335 -27.52 18.67 -43.48
CA GLU A 335 -27.32 20.06 -43.88
C GLU A 335 -27.60 20.97 -42.69
N ILE A 336 -26.89 22.10 -42.65
CA ILE A 336 -27.15 23.11 -41.65
C ILE A 336 -27.67 24.36 -42.34
N ASN A 337 -28.42 25.16 -41.57
CA ASN A 337 -28.91 26.45 -42.03
C ASN A 337 -28.01 27.52 -41.44
N PRO A 338 -27.22 28.23 -42.26
CA PRO A 338 -26.27 29.20 -41.70
C PRO A 338 -26.92 30.32 -40.91
N GLU A 339 -28.15 30.71 -41.25
CA GLU A 339 -28.83 31.75 -40.50
C GLU A 339 -29.05 31.32 -39.05
N LEU A 340 -29.56 30.10 -38.86
CA LEU A 340 -29.73 29.57 -37.51
C LEU A 340 -28.39 29.44 -36.80
N ALA A 341 -27.37 28.98 -37.51
CA ALA A 341 -26.05 28.77 -36.90
C ALA A 341 -25.46 30.09 -36.41
N LEU A 342 -25.45 31.11 -37.28
CA LEU A 342 -24.88 32.40 -36.89
C LEU A 342 -25.68 33.03 -35.75
N LYS A 343 -27.00 32.87 -35.77
CA LYS A 343 -27.83 33.31 -34.65
C LYS A 343 -27.36 32.70 -33.35
N ASN A 344 -27.23 31.37 -33.32
CA ASN A 344 -26.76 30.66 -32.13
C ASN A 344 -25.41 31.21 -31.66
N LEU A 345 -24.49 31.43 -32.61
CA LEU A 345 -23.19 32.00 -32.26
C LEU A 345 -23.35 33.39 -31.68
N GLN A 346 -24.22 34.21 -32.28
CA GLN A 346 -24.40 35.58 -31.83
C GLN A 346 -25.00 35.63 -30.43
N GLU A 347 -25.95 34.75 -30.13
CA GLU A 347 -26.49 34.67 -28.77
C GLU A 347 -25.38 34.35 -27.77
N THR A 348 -24.52 33.39 -28.11
CA THR A 348 -23.37 33.10 -27.27
C THR A 348 -22.47 34.31 -27.13
N GLN A 349 -22.30 35.07 -28.21
CA GLN A 349 -21.52 36.31 -28.14
C GLN A 349 -22.15 37.28 -27.15
N GLU A 350 -23.47 37.38 -27.13
CA GLU A 350 -24.13 38.27 -26.19
C GLU A 350 -23.91 37.81 -24.75
N PHE A 351 -23.97 36.49 -24.51
CA PHE A 351 -23.68 35.96 -23.19
C PHE A 351 -22.26 36.30 -22.75
N ILE A 352 -21.30 36.16 -23.67
CA ILE A 352 -19.91 36.48 -23.36
C ILE A 352 -19.77 37.96 -23.03
N ASP A 353 -20.52 38.81 -23.73
CA ASP A 353 -20.36 40.25 -23.58
C ASP A 353 -20.95 40.80 -22.28
N THR A 354 -21.91 40.09 -21.67
CA THR A 354 -22.39 40.52 -20.36
C THR A 354 -21.34 40.36 -19.26
N HIS A 355 -20.18 39.78 -19.58
CA HIS A 355 -19.12 39.56 -18.61
C HIS A 355 -18.13 40.72 -18.67
N PRO A 356 -17.83 41.35 -17.54
CA PRO A 356 -16.90 42.49 -17.54
C PRO A 356 -15.54 42.13 -18.12
N GLY A 357 -14.91 43.12 -18.75
CA GLY A 357 -13.60 42.93 -19.35
C GLY A 357 -13.44 43.67 -20.66
N GLU A 358 -12.27 44.28 -20.87
CA GLU A 358 -12.00 44.98 -22.13
C GLU A 358 -11.61 44.00 -23.23
N ASN A 359 -10.72 43.07 -22.92
CA ASN A 359 -10.20 42.09 -23.85
C ASN A 359 -10.85 40.73 -23.60
N PRO A 360 -10.72 39.79 -24.54
CA PRO A 360 -11.26 38.44 -24.28
C PRO A 360 -10.62 37.75 -23.09
N SER A 361 -9.32 37.93 -22.89
CA SER A 361 -8.65 37.33 -21.74
C SER A 361 -9.27 37.81 -20.43
N ASP A 362 -9.67 39.08 -20.38
CA ASP A 362 -10.28 39.61 -19.16
C ASP A 362 -11.64 38.96 -18.90
N LYS A 363 -12.44 38.78 -19.95
CA LYS A 363 -13.77 38.17 -19.77
C LYS A 363 -13.66 36.72 -19.34
N VAL A 364 -12.72 35.98 -19.94
CA VAL A 364 -12.48 34.60 -19.52
C VAL A 364 -12.11 34.56 -18.04
N GLU A 365 -11.12 35.37 -17.65
CA GLU A 365 -10.69 35.40 -16.25
C GLU A 365 -11.81 35.88 -15.35
N ASN A 366 -12.64 36.82 -15.81
CA ASN A 366 -13.82 37.21 -15.07
C ASN A 366 -14.74 36.01 -14.84
N TYR A 367 -14.95 35.19 -15.87
CA TYR A 367 -15.81 34.02 -15.75
C TYR A 367 -15.20 33.01 -14.77
N ARG A 368 -13.92 32.68 -14.96
CA ARG A 368 -13.29 31.64 -14.15
C ARG A 368 -13.35 31.96 -12.67
N ASN A 369 -13.21 33.24 -12.30
CA ASN A 369 -13.16 33.64 -10.90
C ASN A 369 -14.52 33.58 -10.24
N ARG A 370 -15.57 34.03 -10.95
CA ARG A 370 -16.93 33.90 -10.44
C ARG A 370 -17.30 32.44 -10.22
N ALA A 371 -16.72 31.53 -10.99
CA ALA A 371 -16.96 30.10 -10.77
C ALA A 371 -16.27 29.62 -9.51
N LYS A 372 -15.02 30.07 -9.28
CA LYS A 372 -14.34 29.73 -8.05
C LYS A 372 -15.09 30.27 -6.83
N LEU A 373 -15.52 31.53 -6.90
CA LEU A 373 -16.30 32.11 -5.81
C LEU A 373 -17.61 31.37 -5.60
N ALA A 374 -18.29 31.01 -6.69
CA ALA A 374 -19.60 30.36 -6.58
C ALA A 374 -19.48 28.99 -5.93
N MET A 375 -18.39 28.26 -6.23
CA MET A 375 -18.21 26.95 -5.61
C MET A 375 -18.04 27.06 -4.11
N THR A 376 -17.14 27.94 -3.68
CA THR A 376 -16.89 28.12 -2.24
C THR A 376 -18.16 28.56 -1.52
N GLU A 377 -18.84 29.56 -2.06
CA GLU A 377 -20.03 30.10 -1.39
C GLU A 377 -21.12 29.04 -1.27
N HIS A 378 -21.28 28.20 -2.28
CA HIS A 378 -22.28 27.14 -2.19
C HIS A 378 -21.92 26.14 -1.10
N LEU A 379 -20.69 25.60 -1.12
CA LEU A 379 -20.27 24.62 -0.13
C LEU A 379 -20.52 25.12 1.28
N GLU A 380 -20.21 26.39 1.56
CA GLU A 380 -20.48 26.97 2.86
C GLU A 380 -21.95 26.86 3.23
N SER A 381 -22.84 27.14 2.26
CA SER A 381 -24.27 27.10 2.53
C SER A 381 -24.74 25.69 2.85
N LEU A 382 -24.25 24.69 2.13
CA LEU A 382 -24.74 23.33 2.33
C LEU A 382 -24.22 22.71 3.63
N LEU A 383 -23.08 23.18 4.14
CA LEU A 383 -22.61 22.73 5.44
C LEU A 383 -23.19 23.53 6.59
N ASP A 384 -24.12 24.45 6.28
CA ASP A 384 -24.85 25.22 7.28
C ASP A 384 -23.91 26.10 8.11
N ILE A 385 -22.91 26.68 7.43
CA ILE A 385 -22.04 27.65 8.09
C ILE A 385 -22.50 29.06 7.71
N ALA B 2 9.63 -17.44 -2.36
CA ALA B 2 9.10 -18.69 -2.89
C ALA B 2 8.38 -18.47 -4.22
N GLY B 3 7.17 -17.93 -4.13
CA GLY B 3 6.32 -17.78 -5.30
C GLY B 3 6.27 -16.34 -5.78
N LEU B 4 6.47 -16.17 -7.10
CA LEU B 4 6.33 -14.90 -7.79
C LEU B 4 6.03 -15.22 -9.24
N PRO B 5 5.10 -14.51 -9.88
CA PRO B 5 4.54 -15.00 -11.15
C PRO B 5 5.60 -15.26 -12.21
N ARG B 6 5.30 -16.24 -13.08
CA ARG B 6 6.22 -16.61 -14.15
C ARG B 6 6.48 -15.46 -15.10
N ARG B 7 5.46 -14.61 -15.32
CA ARG B 7 5.62 -13.48 -16.23
C ARG B 7 6.72 -12.54 -15.75
N ILE B 8 6.72 -12.20 -14.45
CA ILE B 8 7.78 -11.36 -13.90
C ILE B 8 9.13 -12.05 -14.03
N ILE B 9 9.19 -13.33 -13.67
CA ILE B 9 10.44 -14.08 -13.75
C ILE B 9 10.96 -14.09 -15.19
N LYS B 10 10.10 -14.49 -16.14
CA LYS B 10 10.55 -14.62 -17.52
C LYS B 10 10.81 -13.26 -18.15
N GLU B 11 10.07 -12.22 -17.76
CA GLU B 11 10.34 -10.89 -18.30
C GLU B 11 11.64 -10.32 -17.73
N THR B 12 11.87 -10.51 -16.44
CA THR B 12 13.12 -10.06 -15.83
C THR B 12 14.31 -10.71 -16.52
N GLN B 13 14.18 -11.97 -16.92
CA GLN B 13 15.24 -12.66 -17.65
C GLN B 13 15.58 -11.94 -18.95
N ARG B 14 14.58 -11.73 -19.80
CA ARG B 14 14.80 -11.10 -21.10
C ARG B 14 15.16 -9.62 -20.98
N LEU B 15 14.93 -9.00 -19.82
CA LEU B 15 15.30 -7.60 -19.65
C LEU B 15 16.79 -7.45 -19.40
N LEU B 16 17.39 -8.39 -18.65
CA LEU B 16 18.83 -8.37 -18.43
C LEU B 16 19.59 -9.00 -19.58
N ALA B 17 18.99 -9.99 -20.26
CA ALA B 17 19.66 -10.63 -21.39
C ALA B 17 19.62 -9.74 -22.62
N GLU B 18 18.52 -9.03 -22.83
CA GLU B 18 18.34 -8.16 -24.00
C GLU B 18 17.87 -6.80 -23.51
N PRO B 19 18.79 -5.96 -23.03
CA PRO B 19 18.41 -4.62 -22.61
C PRO B 19 18.31 -3.66 -23.80
N VAL B 20 17.61 -2.56 -23.58
CA VAL B 20 17.34 -1.60 -24.65
C VAL B 20 18.48 -0.58 -24.71
N PRO B 21 18.89 -0.15 -25.91
CA PRO B 21 19.94 0.87 -26.03
C PRO B 21 19.67 2.12 -25.23
N GLY B 22 20.61 2.48 -24.36
CA GLY B 22 20.54 3.70 -23.59
C GLY B 22 20.00 3.56 -22.18
N ILE B 23 19.57 2.36 -21.78
CA ILE B 23 18.90 2.18 -20.50
C ILE B 23 19.52 0.99 -19.77
N LYS B 24 19.70 1.17 -18.47
CA LYS B 24 20.11 0.11 -17.57
C LYS B 24 18.95 -0.15 -16.60
N ALA B 25 18.55 -1.42 -16.47
CA ALA B 25 17.44 -1.80 -15.61
C ALA B 25 17.75 -3.15 -14.98
N GLU B 26 17.61 -3.23 -13.65
CA GLU B 26 18.00 -4.43 -12.92
C GLU B 26 17.13 -4.59 -11.70
N PRO B 27 16.85 -5.82 -11.27
CA PRO B 27 15.99 -6.02 -10.10
C PRO B 27 16.69 -5.64 -8.81
N ASP B 28 15.92 -5.07 -7.89
CA ASP B 28 16.37 -4.96 -6.51
C ASP B 28 16.51 -6.35 -5.92
N GLU B 29 17.53 -6.54 -5.08
CA GLU B 29 17.84 -7.87 -4.58
C GLU B 29 16.97 -8.30 -3.41
N SER B 30 16.41 -7.35 -2.66
CA SER B 30 15.48 -7.71 -1.60
C SER B 30 14.10 -8.03 -2.15
N ASN B 31 13.48 -7.06 -2.82
CA ASN B 31 12.17 -7.25 -3.45
C ASN B 31 12.37 -7.19 -4.96
N ALA B 32 12.12 -8.33 -5.62
CA ALA B 32 12.32 -8.44 -7.07
C ALA B 32 11.23 -7.72 -7.87
N ARG B 33 10.24 -7.11 -7.21
CA ARG B 33 9.27 -6.31 -7.96
C ARG B 33 9.75 -4.89 -8.18
N TYR B 34 10.64 -4.40 -7.32
CA TYR B 34 11.27 -3.11 -7.55
C TYR B 34 12.43 -3.25 -8.53
N PHE B 35 12.67 -2.18 -9.27
CA PHE B 35 13.70 -2.16 -10.31
C PHE B 35 14.48 -0.86 -10.19
N HIS B 36 15.80 -0.97 -10.08
CA HIS B 36 16.68 0.20 -10.15
C HIS B 36 17.02 0.47 -11.60
N VAL B 37 16.55 1.60 -12.12
CA VAL B 37 16.71 1.96 -13.53
C VAL B 37 17.60 3.17 -13.64
N VAL B 38 18.44 3.20 -14.68
CA VAL B 38 19.20 4.38 -15.06
C VAL B 38 19.04 4.58 -16.55
N ILE B 39 18.60 5.77 -16.96
CA ILE B 39 18.45 6.12 -18.37
C ILE B 39 19.44 7.22 -18.70
N ALA B 40 20.27 6.97 -19.71
CA ALA B 40 21.17 8.00 -20.19
C ALA B 40 20.36 9.05 -20.96
N GLY B 41 20.53 10.31 -20.59
CA GLY B 41 19.88 11.40 -21.28
C GLY B 41 20.14 11.34 -22.76
N PRO B 42 19.06 11.34 -23.55
CA PRO B 42 19.20 11.06 -24.99
C PRO B 42 20.01 12.13 -25.72
N GLN B 43 20.58 11.71 -26.85
CA GLN B 43 21.50 12.56 -27.59
C GLN B 43 20.79 13.77 -28.17
N ASP B 44 21.48 14.92 -28.12
CA ASP B 44 20.95 16.19 -28.60
C ASP B 44 19.64 16.56 -27.90
N SER B 45 19.61 16.34 -26.59
CA SER B 45 18.54 16.77 -25.71
C SER B 45 19.12 17.61 -24.60
N PRO B 46 18.31 18.43 -23.93
CA PRO B 46 18.81 19.19 -22.77
C PRO B 46 19.44 18.30 -21.72
N PHE B 47 19.01 17.05 -21.61
CA PHE B 47 19.50 16.11 -20.62
C PHE B 47 20.64 15.24 -21.15
N GLU B 48 21.26 15.63 -22.26
CA GLU B 48 22.41 14.90 -22.78
C GLU B 48 23.56 14.94 -21.77
N GLY B 49 24.19 13.78 -21.58
CA GLY B 49 25.27 13.64 -20.62
C GLY B 49 24.83 13.17 -19.25
N GLY B 50 23.61 13.51 -18.84
CA GLY B 50 23.12 13.08 -17.55
C GLY B 50 22.75 11.61 -17.53
N THR B 51 22.63 11.09 -16.31
CA THR B 51 22.20 9.71 -16.07
C THR B 51 21.18 9.73 -14.94
N PHE B 52 19.94 9.33 -15.23
CA PHE B 52 18.82 9.54 -14.34
C PHE B 52 18.31 8.22 -13.78
N LYS B 53 18.13 8.17 -12.46
CA LYS B 53 17.77 6.95 -11.74
C LYS B 53 16.27 6.92 -11.47
N LEU B 54 15.65 5.78 -11.78
CA LEU B 54 14.21 5.59 -11.76
C LEU B 54 13.87 4.36 -10.93
N GLU B 55 12.87 4.48 -10.03
CA GLU B 55 12.34 3.34 -9.31
C GLU B 55 11.08 2.86 -10.03
N LEU B 56 11.13 1.65 -10.59
CA LEU B 56 9.97 1.00 -11.20
C LEU B 56 9.50 -0.10 -10.26
N PHE B 57 8.21 -0.07 -9.92
CA PHE B 57 7.64 -1.03 -8.99
C PHE B 57 6.48 -1.75 -9.66
N LEU B 58 6.46 -3.08 -9.54
CA LEU B 58 5.38 -3.89 -10.06
C LEU B 58 4.41 -4.21 -8.93
N PRO B 59 3.19 -3.69 -8.95
CA PRO B 59 2.23 -4.02 -7.89
C PRO B 59 1.78 -5.48 -7.99
N GLU B 60 1.13 -5.93 -6.91
CA GLU B 60 0.71 -7.33 -6.79
C GLU B 60 -0.07 -7.80 -8.01
N GLU B 61 -0.84 -6.91 -8.62
CA GLU B 61 -1.77 -7.26 -9.69
C GLU B 61 -1.13 -7.26 -11.08
N TYR B 62 0.17 -7.02 -11.16
CA TYR B 62 0.86 -7.07 -12.46
C TYR B 62 0.81 -8.49 -13.02
N PRO B 63 0.67 -8.66 -14.34
CA PRO B 63 0.58 -7.62 -15.37
C PRO B 63 -0.84 -7.21 -15.75
N MET B 64 -1.83 -7.55 -14.92
CA MET B 64 -3.16 -7.03 -15.15
C MET B 64 -3.24 -5.54 -14.83
N ALA B 65 -2.42 -5.07 -13.91
CA ALA B 65 -2.30 -3.66 -13.57
C ALA B 65 -0.93 -3.15 -13.98
N ALA B 66 -0.89 -1.87 -14.36
CA ALA B 66 0.34 -1.28 -14.86
C ALA B 66 1.36 -1.09 -13.73
N PRO B 67 2.65 -1.03 -14.08
CA PRO B 67 3.65 -0.68 -13.08
C PRO B 67 3.59 0.81 -12.75
N LYS B 68 4.19 1.16 -11.62
CA LYS B 68 4.30 2.56 -11.20
C LYS B 68 5.77 2.97 -11.21
N VAL B 69 6.03 4.16 -11.76
CA VAL B 69 7.38 4.63 -12.05
C VAL B 69 7.56 6.01 -11.43
N ARG B 70 8.77 6.29 -10.94
CA ARG B 70 9.04 7.58 -10.31
C ARG B 70 10.51 7.94 -10.46
N PHE B 71 10.78 9.22 -10.65
CA PHE B 71 12.16 9.68 -10.74
C PHE B 71 12.77 9.77 -9.33
N MET B 72 13.89 9.09 -9.13
CA MET B 72 14.69 9.26 -7.92
C MET B 72 15.69 10.40 -8.07
N THR B 73 16.30 10.52 -9.25
CA THR B 73 17.13 11.67 -9.56
C THR B 73 16.25 12.87 -9.85
N LYS B 74 16.42 13.93 -9.06
CA LYS B 74 15.73 15.18 -9.31
C LYS B 74 16.01 15.68 -10.72
N ILE B 75 14.96 16.13 -11.42
CA ILE B 75 15.08 16.50 -12.83
C ILE B 75 14.09 17.62 -13.14
N TYR B 76 14.49 18.47 -14.11
CA TYR B 76 13.67 19.57 -14.61
C TYR B 76 12.99 19.13 -15.90
N HIS B 77 11.69 18.84 -15.82
CA HIS B 77 10.93 18.31 -16.95
C HIS B 77 9.45 18.46 -16.66
N PRO B 78 8.64 18.94 -17.62
CA PRO B 78 7.24 19.26 -17.30
C PRO B 78 6.35 18.07 -17.01
N ASN B 79 6.77 16.85 -17.38
CA ASN B 79 5.94 15.67 -17.21
C ASN B 79 6.32 14.85 -15.97
N VAL B 80 7.12 15.43 -15.08
CA VAL B 80 7.60 14.75 -13.88
C VAL B 80 6.91 15.36 -12.67
N ASP B 81 6.59 14.51 -11.69
CA ASP B 81 5.92 14.97 -10.48
C ASP B 81 6.89 15.74 -9.59
N LYS B 82 6.33 16.34 -8.53
CA LYS B 82 7.19 16.89 -7.49
C LYS B 82 7.94 15.76 -6.77
N LEU B 83 7.31 14.59 -6.62
CA LEU B 83 7.94 13.41 -6.05
C LEU B 83 8.63 12.56 -7.11
N GLY B 84 8.58 12.96 -8.39
CA GLY B 84 9.23 12.26 -9.46
C GLY B 84 8.32 11.35 -10.28
N ARG B 85 7.07 11.17 -9.86
CA ARG B 85 6.17 10.21 -10.49
C ARG B 85 5.88 10.59 -11.94
N ILE B 86 5.51 9.58 -12.73
CA ILE B 86 5.28 9.72 -14.17
C ILE B 86 3.83 9.32 -14.45
N CYS B 87 3.30 9.86 -15.55
CA CYS B 87 1.94 9.59 -16.03
C CYS B 87 1.64 8.10 -16.18
N LEU B 88 2.14 7.52 -17.28
CA LEU B 88 1.80 6.18 -17.77
C LEU B 88 0.35 6.06 -18.21
N ASP B 89 -0.34 7.19 -18.41
CA ASP B 89 -1.74 7.15 -18.79
C ASP B 89 -1.87 6.96 -20.30
N ILE B 90 -2.71 6.00 -20.69
CA ILE B 90 -2.87 5.60 -22.08
C ILE B 90 -4.19 6.18 -22.60
N LEU B 91 -4.14 6.77 -23.79
CA LEU B 91 -5.25 7.56 -24.31
C LEU B 91 -6.28 6.66 -24.99
N LYS B 92 -7.51 6.68 -24.47
CA LYS B 92 -8.63 5.91 -25.03
C LYS B 92 -8.28 4.44 -25.18
N ASP B 93 -7.60 3.92 -24.17
CA ASP B 93 -7.22 2.53 -24.09
C ASP B 93 -6.86 2.26 -22.63
N ALA B 94 -6.52 1.01 -22.33
CA ALA B 94 -6.18 0.64 -20.96
C ALA B 94 -4.96 -0.27 -20.99
N TRP B 95 -4.19 -0.23 -19.91
CA TRP B 95 -3.13 -1.21 -19.74
C TRP B 95 -3.71 -2.61 -19.77
N SER B 96 -3.21 -3.42 -20.69
CA SER B 96 -3.45 -4.85 -20.73
C SER B 96 -2.11 -5.57 -20.61
N PRO B 97 -2.09 -6.85 -20.28
CA PRO B 97 -0.82 -7.58 -20.18
C PRO B 97 -0.12 -7.78 -21.51
N ALA B 98 -0.65 -7.18 -22.58
CA ALA B 98 0.05 -7.17 -23.86
C ALA B 98 1.16 -6.13 -23.91
N LEU B 99 1.18 -5.19 -22.98
CA LEU B 99 2.23 -4.18 -22.89
C LEU B 99 3.21 -4.56 -21.79
N GLN B 100 4.49 -4.27 -22.00
CA GLN B 100 5.55 -4.74 -21.11
C GLN B 100 6.23 -3.57 -20.39
N ILE B 101 7.17 -3.93 -19.52
CA ILE B 101 8.08 -2.96 -18.92
C ILE B 101 8.92 -2.30 -20.00
N ARG B 102 9.31 -3.06 -21.03
CA ARG B 102 10.10 -2.53 -22.11
C ARG B 102 9.42 -1.32 -22.77
N THR B 103 8.12 -1.46 -23.04
CA THR B 103 7.39 -0.34 -23.64
C THR B 103 7.29 0.84 -22.69
N VAL B 104 7.19 0.56 -21.38
CA VAL B 104 7.17 1.65 -20.39
C VAL B 104 8.50 2.39 -20.40
N LEU B 105 9.61 1.65 -20.34
CA LEU B 105 10.92 2.28 -20.32
C LEU B 105 11.18 3.06 -21.61
N LEU B 106 10.72 2.54 -22.75
CA LEU B 106 10.90 3.24 -24.01
C LEU B 106 10.12 4.54 -24.03
N SER B 107 8.88 4.52 -23.54
CA SER B 107 8.05 5.73 -23.55
C SER B 107 8.64 6.82 -22.67
N ILE B 108 9.20 6.44 -21.52
CA ILE B 108 9.88 7.41 -20.67
C ILE B 108 11.13 7.93 -21.37
N GLN B 109 11.77 7.10 -22.19
CA GLN B 109 12.96 7.52 -22.93
C GLN B 109 12.62 8.53 -24.01
N ALA B 110 11.50 8.33 -24.71
CA ALA B 110 11.06 9.31 -25.70
C ALA B 110 10.47 10.54 -25.04
N LEU B 111 9.93 10.41 -23.83
CA LEU B 111 9.38 11.55 -23.12
C LEU B 111 10.46 12.57 -22.78
N LEU B 112 11.66 12.09 -22.48
CA LEU B 112 12.78 13.00 -22.27
C LEU B 112 13.19 13.67 -23.57
N SER B 113 13.25 12.90 -24.67
CA SER B 113 13.62 13.43 -25.98
C SER B 113 12.62 14.44 -26.51
N ALA B 114 11.42 14.49 -25.97
CA ALA B 114 10.40 15.40 -26.48
C ALA B 114 9.40 15.73 -25.38
N PRO B 115 9.75 16.66 -24.48
CA PRO B 115 8.82 17.03 -23.41
C PRO B 115 7.52 17.58 -23.98
N ASN B 116 6.44 17.36 -23.23
CA ASN B 116 5.11 17.84 -23.60
C ASN B 116 4.64 18.77 -22.50
N PRO B 117 4.90 20.08 -22.62
CA PRO B 117 4.42 21.02 -21.59
C PRO B 117 2.90 21.09 -21.53
N ASP B 118 2.23 21.08 -22.69
CA ASP B 118 0.78 21.19 -22.74
C ASP B 118 0.12 19.92 -22.17
N ASP B 119 -0.13 19.92 -20.87
CA ASP B 119 -0.67 18.76 -20.18
C ASP B 119 -1.23 19.22 -18.83
N PRO B 120 -0.65 18.92 -17.59
CA PRO B 120 -1.14 19.69 -16.44
C PRO B 120 -0.31 20.93 -16.15
N LEU B 121 -0.97 22.08 -16.12
CA LEU B 121 -0.33 23.37 -15.86
C LEU B 121 -0.24 23.68 -14.36
N ALA B 122 -0.72 22.78 -13.50
CA ALA B 122 -0.73 23.06 -12.06
C ALA B 122 0.66 23.27 -11.50
N ASN B 123 1.71 22.81 -12.18
CA ASN B 123 3.07 23.03 -11.74
C ASN B 123 3.77 24.04 -12.64
N ASP B 124 4.74 24.75 -12.05
CA ASP B 124 5.40 25.85 -12.75
C ASP B 124 6.22 25.37 -13.94
N VAL B 125 6.80 24.16 -13.85
CA VAL B 125 7.69 23.68 -14.90
C VAL B 125 6.97 23.59 -16.23
N ALA B 126 5.65 23.37 -16.21
CA ALA B 126 4.89 23.40 -17.46
C ALA B 126 4.74 24.82 -17.98
N GLU B 127 4.61 25.81 -17.08
CA GLU B 127 4.45 27.19 -17.52
C GLU B 127 5.71 27.70 -18.21
N GLN B 128 6.88 27.42 -17.64
CA GLN B 128 8.13 27.87 -18.24
C GLN B 128 8.47 27.09 -19.51
N TRP B 129 7.90 25.90 -19.68
CA TRP B 129 8.20 25.09 -20.85
C TRP B 129 7.38 25.48 -22.08
N LYS B 130 6.45 26.42 -21.94
CA LYS B 130 5.78 27.04 -23.08
C LYS B 130 6.07 28.53 -23.17
N THR B 131 6.06 29.26 -22.06
CA THR B 131 6.37 30.68 -22.09
C THR B 131 7.70 30.95 -22.76
N ASN B 132 8.81 30.64 -22.08
CA ASN B 132 10.14 30.86 -22.63
C ASN B 132 10.83 29.50 -22.73
N GLU B 133 10.44 28.74 -23.76
CA GLU B 133 11.01 27.42 -23.98
C GLU B 133 12.53 27.49 -24.17
N ALA B 134 13.04 28.50 -24.84
CA ALA B 134 14.48 28.61 -25.04
C ALA B 134 15.22 28.68 -23.71
N GLN B 135 14.61 29.32 -22.71
CA GLN B 135 15.21 29.43 -21.39
C GLN B 135 14.88 28.25 -20.48
N ALA B 136 13.97 27.36 -20.91
CA ALA B 136 13.73 26.12 -20.19
C ALA B 136 14.67 25.02 -20.62
N ILE B 137 15.21 25.10 -21.84
CA ILE B 137 16.19 24.13 -22.30
C ILE B 137 17.46 24.22 -21.47
N GLU B 138 17.87 25.44 -21.12
CA GLU B 138 19.16 25.64 -20.47
C GLU B 138 19.10 25.36 -18.97
N THR B 139 18.02 25.77 -18.31
CA THR B 139 17.87 25.41 -16.90
C THR B 139 17.70 23.92 -16.71
N ALA B 140 17.25 23.20 -17.74
CA ALA B 140 17.28 21.74 -17.70
C ALA B 140 18.70 21.22 -17.96
N ARG B 141 19.48 21.94 -18.76
CA ARG B 141 20.89 21.60 -18.91
C ARG B 141 21.64 21.82 -17.61
N ALA B 142 21.27 22.86 -16.86
CA ALA B 142 21.93 23.14 -15.59
C ALA B 142 21.58 22.08 -14.55
N TRP B 143 20.32 21.65 -14.50
CA TRP B 143 19.94 20.61 -13.54
C TRP B 143 20.54 19.27 -13.94
N THR B 144 20.81 19.06 -15.23
CA THR B 144 21.51 17.87 -15.66
C THR B 144 22.92 17.82 -15.07
N ARG B 145 23.65 18.94 -15.14
CA ARG B 145 24.99 18.99 -14.58
C ARG B 145 24.96 18.82 -13.06
N LEU B 146 23.97 19.43 -12.41
CA LEU B 146 23.99 19.53 -10.95
C LEU B 146 23.61 18.21 -10.29
N TYR B 147 22.71 17.44 -10.91
CA TYR B 147 22.18 16.24 -10.27
C TYR B 147 22.30 14.97 -11.08
N ALA B 148 22.60 15.04 -12.38
CA ALA B 148 22.65 13.87 -13.22
C ALA B 148 24.06 13.50 -13.65
N MET B 149 25.09 14.07 -13.03
CA MET B 149 26.47 13.72 -13.30
C MET B 149 27.06 13.02 -12.08
N ASN B 150 27.65 11.85 -12.31
CA ASN B 150 28.28 11.06 -11.25
C ASN B 150 27.33 10.76 -10.11
N GLY C 2 -34.28 -6.27 -13.39
CA GLY C 2 -34.56 -5.50 -12.19
C GLY C 2 -34.32 -4.01 -12.41
N SER C 3 -34.93 -3.48 -13.47
CA SER C 3 -34.67 -2.11 -13.90
C SER C 3 -34.95 -1.09 -12.82
N MET C 4 -33.91 -0.56 -12.22
CA MET C 4 -33.99 0.62 -11.37
C MET C 4 -33.62 1.85 -12.20
N GLN C 5 -33.56 3.01 -11.56
CA GLN C 5 -33.31 4.27 -12.24
C GLN C 5 -32.21 5.03 -11.53
N ILE C 6 -31.18 5.42 -12.28
CA ILE C 6 -30.13 6.29 -11.76
C ILE C 6 -30.05 7.54 -12.64
N PHE C 7 -29.36 8.55 -12.12
CA PHE C 7 -29.20 9.82 -12.80
C PHE C 7 -27.72 10.09 -13.05
N VAL C 8 -27.46 10.93 -14.06
CA VAL C 8 -26.11 11.31 -14.45
C VAL C 8 -26.13 12.81 -14.72
N LYS C 9 -25.48 13.59 -13.87
CA LYS C 9 -25.44 15.03 -14.01
C LYS C 9 -24.10 15.47 -14.56
N THR C 10 -24.11 16.54 -15.36
CA THR C 10 -22.90 17.14 -15.92
C THR C 10 -22.66 18.49 -15.27
N LEU C 11 -21.50 19.07 -15.58
CA LEU C 11 -21.16 20.38 -15.05
C LEU C 11 -22.11 21.47 -15.54
N THR C 12 -22.85 21.21 -16.61
CA THR C 12 -23.80 22.18 -17.15
C THR C 12 -25.16 22.16 -16.47
N GLY C 13 -25.35 21.27 -15.48
CA GLY C 13 -26.62 21.15 -14.79
C GLY C 13 -27.57 20.14 -15.39
N LYS C 14 -27.20 19.50 -16.49
CA LYS C 14 -28.08 18.57 -17.19
C LYS C 14 -28.15 17.23 -16.45
N THR C 15 -29.35 16.68 -16.37
CA THR C 15 -29.58 15.37 -15.76
C THR C 15 -30.03 14.37 -16.81
N ILE C 16 -29.46 13.16 -16.75
CA ILE C 16 -29.77 12.09 -17.68
C ILE C 16 -30.26 10.88 -16.89
N THR C 17 -31.29 10.21 -17.41
CA THR C 17 -31.98 9.15 -16.70
C THR C 17 -31.69 7.80 -17.36
N LEU C 18 -31.07 6.89 -16.62
CA LEU C 18 -30.69 5.58 -17.12
C LEU C 18 -31.57 4.49 -16.51
N GLU C 19 -31.81 3.45 -17.30
CA GLU C 19 -32.48 2.24 -16.83
C GLU C 19 -31.43 1.13 -16.73
N VAL C 20 -31.12 0.72 -15.51
CA VAL C 20 -30.00 -0.15 -15.23
C VAL C 20 -30.44 -1.22 -14.24
N GLU C 21 -29.53 -2.17 -14.00
CA GLU C 21 -29.65 -3.14 -12.92
C GLU C 21 -28.38 -3.12 -12.08
N PRO C 22 -28.48 -3.40 -10.78
CA PRO C 22 -27.27 -3.41 -9.95
C PRO C 22 -26.19 -4.34 -10.49
N SER C 23 -26.55 -5.26 -11.37
CA SER C 23 -25.58 -6.20 -11.93
C SER C 23 -24.65 -5.56 -12.97
N ASP C 24 -25.06 -4.48 -13.63
CA ASP C 24 -24.36 -4.05 -14.85
C ASP C 24 -23.07 -3.32 -14.52
N THR C 25 -22.08 -3.50 -15.38
CA THR C 25 -20.78 -2.90 -15.18
C THR C 25 -20.80 -1.40 -15.49
N ILE C 26 -19.84 -0.68 -14.92
CA ILE C 26 -19.70 0.74 -15.23
C ILE C 26 -19.52 0.95 -16.72
N GLU C 27 -18.83 0.02 -17.39
CA GLU C 27 -18.73 0.07 -18.84
C GLU C 27 -20.10 0.02 -19.49
N ASN C 28 -21.03 -0.76 -18.92
CA ASN C 28 -22.37 -0.85 -19.48
C ASN C 28 -23.11 0.48 -19.39
N VAL C 29 -22.97 1.19 -18.27
CA VAL C 29 -23.68 2.45 -18.13
C VAL C 29 -23.04 3.55 -18.97
N LYS C 30 -21.72 3.48 -19.20
CA LYS C 30 -21.08 4.39 -20.15
C LYS C 30 -21.67 4.20 -21.55
N ALA C 31 -21.92 2.94 -21.92
CA ALA C 31 -22.53 2.66 -23.21
C ALA C 31 -23.97 3.16 -23.27
N LYS C 32 -24.66 3.20 -22.13
CA LYS C 32 -26.00 3.78 -22.10
C LYS C 32 -25.94 5.30 -22.17
N ILE C 33 -24.88 5.90 -21.64
CA ILE C 33 -24.67 7.34 -21.79
C ILE C 33 -24.39 7.66 -23.25
N GLN C 34 -23.67 6.77 -23.95
CA GLN C 34 -23.40 6.94 -25.36
C GLN C 34 -24.68 6.91 -26.19
N ASP C 35 -25.61 6.03 -25.82
CA ASP C 35 -26.85 5.89 -26.56
C ASP C 35 -27.72 7.14 -26.46
N LYS C 36 -27.62 7.86 -25.33
CA LYS C 36 -28.44 9.05 -25.13
C LYS C 36 -27.72 10.34 -25.50
N GLU C 37 -26.40 10.40 -25.32
CA GLU C 37 -25.65 11.63 -25.47
C GLU C 37 -24.70 11.64 -26.66
N GLY C 38 -24.42 10.49 -27.27
CA GLY C 38 -23.44 10.43 -28.33
C GLY C 38 -22.00 10.48 -27.86
N ILE C 39 -21.77 10.39 -26.55
CA ILE C 39 -20.43 10.48 -25.98
C ILE C 39 -19.83 9.07 -25.99
N PRO C 40 -18.70 8.85 -26.66
CA PRO C 40 -18.07 7.53 -26.65
C PRO C 40 -17.57 7.18 -25.25
N PRO C 41 -17.65 5.90 -24.87
CA PRO C 41 -17.18 5.50 -23.53
C PRO C 41 -15.77 5.99 -23.19
N ASP C 42 -14.83 5.93 -24.13
CA ASP C 42 -13.48 6.43 -23.88
C ASP C 42 -13.43 7.95 -23.69
N GLN C 43 -14.55 8.65 -23.84
CA GLN C 43 -14.61 10.10 -23.71
C GLN C 43 -15.30 10.54 -22.42
N GLN C 44 -15.34 9.67 -21.40
CA GLN C 44 -16.10 10.00 -20.22
C GLN C 44 -15.60 9.19 -19.03
N ARG C 45 -15.73 9.78 -17.85
CA ARG C 45 -15.52 9.10 -16.59
C ARG C 45 -16.72 9.35 -15.69
N LEU C 46 -16.93 8.44 -14.73
CA LEU C 46 -18.08 8.52 -13.84
C LEU C 46 -17.63 8.51 -12.39
N ILE C 47 -18.23 9.39 -11.59
CA ILE C 47 -17.87 9.59 -10.19
C ILE C 47 -19.11 9.35 -9.33
N PHE C 48 -18.91 8.74 -8.16
CA PHE C 48 -20.00 8.56 -7.19
C PHE C 48 -19.47 8.96 -5.81
N ALA C 49 -20.02 10.04 -5.25
CA ALA C 49 -19.64 10.52 -3.93
C ALA C 49 -18.13 10.76 -3.84
N GLY C 50 -17.57 11.36 -4.89
CA GLY C 50 -16.17 11.69 -4.93
C GLY C 50 -15.24 10.56 -5.31
N LYS C 51 -15.74 9.33 -5.48
CA LYS C 51 -14.91 8.18 -5.79
C LYS C 51 -14.99 7.86 -7.27
N GLN C 52 -13.83 7.76 -7.91
CA GLN C 52 -13.77 7.41 -9.32
C GLN C 52 -14.15 5.95 -9.51
N LEU C 53 -15.12 5.70 -10.40
CA LEU C 53 -15.58 4.35 -10.68
C LEU C 53 -14.74 3.73 -11.79
N GLU C 54 -14.40 2.46 -11.62
CA GLU C 54 -13.61 1.73 -12.60
C GLU C 54 -14.51 0.84 -13.45
N ASP C 55 -14.06 0.57 -14.67
CA ASP C 55 -14.96 0.07 -15.71
C ASP C 55 -15.49 -1.33 -15.40
N GLY C 56 -14.62 -2.22 -14.91
CA GLY C 56 -15.03 -3.60 -14.74
C GLY C 56 -15.98 -3.83 -13.58
N ARG C 57 -15.89 -2.97 -12.55
CA ARG C 57 -16.71 -3.14 -11.37
C ARG C 57 -18.18 -2.82 -11.67
N THR C 58 -19.06 -3.24 -10.76
CA THR C 58 -20.50 -3.14 -10.95
C THR C 58 -21.08 -2.01 -10.10
N LEU C 59 -22.37 -1.72 -10.33
CA LEU C 59 -23.06 -0.71 -9.55
C LEU C 59 -23.22 -1.15 -8.10
N SER C 60 -23.45 -2.45 -7.87
CA SER C 60 -23.54 -2.95 -6.51
C SER C 60 -22.18 -2.91 -5.82
N ASP C 61 -21.10 -3.13 -6.57
CA ASP C 61 -19.76 -3.05 -6.01
C ASP C 61 -19.51 -1.71 -5.34
N TYR C 62 -20.23 -0.66 -5.76
CA TYR C 62 -20.10 0.67 -5.19
C TYR C 62 -21.29 1.07 -4.33
N ASN C 63 -22.21 0.13 -4.08
CA ASN C 63 -23.45 0.41 -3.34
C ASN C 63 -24.25 1.53 -4.02
N ILE C 64 -24.28 1.50 -5.34
CA ILE C 64 -25.11 2.42 -6.12
C ILE C 64 -26.48 1.78 -6.27
N GLN C 65 -27.52 2.50 -5.86
CA GLN C 65 -28.86 1.96 -5.78
C GLN C 65 -29.84 2.88 -6.51
N LYS C 66 -31.08 2.43 -6.62
CA LYS C 66 -32.11 3.17 -7.35
C LYS C 66 -32.19 4.61 -6.85
N GLU C 67 -32.24 5.54 -7.80
CA GLU C 67 -32.30 7.00 -7.61
C GLU C 67 -30.97 7.61 -7.23
N SER C 68 -29.86 6.87 -7.30
CA SER C 68 -28.55 7.46 -7.06
C SER C 68 -28.18 8.41 -8.19
N THR C 69 -27.24 9.31 -7.89
CA THR C 69 -26.77 10.31 -8.85
C THR C 69 -25.28 10.17 -9.03
N LEU C 70 -24.86 9.75 -10.22
CA LEU C 70 -23.46 9.79 -10.60
C LEU C 70 -23.16 11.13 -11.26
N HIS C 71 -21.88 11.46 -11.36
CA HIS C 71 -21.44 12.72 -11.95
C HIS C 71 -20.56 12.43 -13.16
N LEU C 72 -20.98 12.93 -14.31
CA LEU C 72 -20.25 12.78 -15.56
C LEU C 72 -19.03 13.69 -15.54
N VAL C 73 -17.85 13.12 -15.74
CA VAL C 73 -16.58 13.85 -15.73
C VAL C 73 -16.03 13.82 -17.14
N LEU C 74 -15.78 15.00 -17.71
CA LEU C 74 -15.44 15.12 -19.13
C LEU C 74 -14.08 15.74 -19.36
N ARG C 75 -13.33 16.04 -18.30
CA ARG C 75 -11.89 16.23 -18.38
C ARG C 75 -11.21 15.11 -17.58
N LEU C 76 -9.92 14.90 -17.81
CA LEU C 76 -9.20 13.84 -17.14
C LEU C 76 -8.54 14.39 -15.88
N ARG C 77 -8.88 13.83 -14.74
CA ARG C 77 -8.25 14.17 -13.47
C ARG C 77 -7.07 13.25 -13.19
N LEU D 3 22.57 -45.02 21.25
CA LEU D 3 23.68 -44.63 22.12
C LEU D 3 24.68 -43.80 21.33
N GLU D 4 24.76 -42.51 21.68
CA GLU D 4 25.50 -41.53 20.92
C GLU D 4 26.65 -40.95 21.74
N SER D 5 27.22 -39.84 21.25
CA SER D 5 28.35 -39.19 21.89
C SER D 5 27.90 -38.50 23.19
N PRO D 6 28.83 -38.34 24.15
CA PRO D 6 28.48 -37.56 25.34
C PRO D 6 28.03 -36.14 25.03
N GLY D 7 28.50 -35.58 23.90
CA GLY D 7 28.01 -34.28 23.49
C GLY D 7 26.54 -34.30 23.14
N PHE D 8 26.13 -35.30 22.35
CA PHE D 8 24.71 -35.45 22.04
C PHE D 8 23.90 -35.74 23.28
N MET D 9 24.51 -36.38 24.28
CA MET D 9 23.80 -36.64 25.52
C MET D 9 23.51 -35.36 26.29
N VAL D 10 24.35 -34.33 26.12
CA VAL D 10 24.04 -33.02 26.68
C VAL D 10 22.71 -32.51 26.15
N HIS D 11 22.51 -32.64 24.83
CA HIS D 11 21.27 -32.18 24.22
C HIS D 11 20.07 -32.93 24.76
N LYS D 12 20.14 -34.27 24.77
CA LYS D 12 18.96 -35.07 25.12
C LYS D 12 18.52 -34.81 26.55
N LYS D 13 19.47 -34.71 27.48
CA LYS D 13 19.09 -34.56 28.89
C LYS D 13 18.56 -33.16 29.18
N LEU D 14 19.27 -32.12 28.70
CA LEU D 14 18.80 -30.76 28.91
C LEU D 14 17.41 -30.56 28.32
N LYS D 15 17.17 -31.09 27.12
CA LYS D 15 15.86 -30.98 26.49
C LYS D 15 14.81 -31.72 27.31
N SER D 16 15.09 -32.98 27.68
CA SER D 16 14.08 -33.78 28.35
C SER D 16 13.90 -33.35 29.81
N MET D 17 14.99 -32.93 30.47
CA MET D 17 14.86 -32.41 31.84
C MET D 17 14.02 -31.14 31.85
N SER D 18 14.36 -30.17 31.00
CA SER D 18 13.60 -28.93 30.97
C SER D 18 12.19 -29.14 30.43
N GLN D 19 12.00 -30.13 29.56
CA GLN D 19 10.64 -30.54 29.19
C GLN D 19 9.84 -30.90 30.43
N SER D 20 10.42 -31.71 31.31
CA SER D 20 9.69 -32.26 32.44
C SER D 20 9.64 -31.29 33.62
N TYR D 21 10.75 -30.62 33.93
CA TYR D 21 10.89 -29.95 35.21
C TYR D 21 10.79 -28.44 35.16
N GLY D 22 10.88 -27.83 33.97
CA GLY D 22 10.58 -26.42 33.78
C GLY D 22 11.25 -25.44 34.73
N VAL D 23 10.46 -24.90 35.69
CA VAL D 23 10.98 -23.87 36.59
C VAL D 23 12.00 -24.41 37.58
N MET D 24 12.13 -25.73 37.70
CA MET D 24 13.08 -26.27 38.66
C MET D 24 14.50 -26.28 38.11
N MET D 25 14.66 -26.19 36.79
CA MET D 25 15.99 -26.24 36.18
C MET D 25 16.92 -25.15 36.72
N THR D 26 16.36 -24.07 37.28
CA THR D 26 17.16 -23.02 37.88
C THR D 26 18.08 -23.51 39.00
N GLY D 27 17.77 -24.63 39.65
CA GLY D 27 18.58 -25.06 40.78
C GLY D 27 18.48 -24.17 41.98
N VAL D 28 17.50 -23.28 42.04
CA VAL D 28 17.34 -22.34 43.14
C VAL D 28 16.23 -22.85 44.05
N PRO D 29 16.42 -22.87 45.36
CA PRO D 29 15.38 -23.41 46.26
C PRO D 29 14.06 -22.67 46.10
N ALA D 30 12.96 -23.41 46.27
CA ALA D 30 11.64 -22.82 46.16
C ALA D 30 11.41 -21.74 47.21
N GLU D 31 12.01 -21.90 48.39
CA GLU D 31 11.75 -20.97 49.48
C GLU D 31 12.30 -19.57 49.17
N VAL D 32 13.53 -19.49 48.66
CA VAL D 32 14.11 -18.19 48.37
C VAL D 32 13.37 -17.51 47.22
N LEU D 33 12.84 -18.28 46.27
CA LEU D 33 11.93 -17.71 45.28
C LEU D 33 10.74 -17.05 45.94
N GLY D 34 10.24 -17.66 47.01
CA GLY D 34 9.10 -17.09 47.72
C GLY D 34 9.44 -15.79 48.42
N GLN D 35 10.64 -15.69 48.98
CA GLN D 35 11.04 -14.49 49.71
C GLN D 35 11.35 -13.32 48.80
N MET D 36 11.66 -13.58 47.52
CA MET D 36 11.91 -12.49 46.58
C MET D 36 10.59 -11.90 46.07
N GLN D 37 9.74 -12.73 45.48
CA GLN D 37 8.42 -12.28 45.03
C GLN D 37 7.60 -11.70 46.16
N ALA D 38 7.91 -12.07 47.41
CA ALA D 38 7.30 -11.40 48.55
C ALA D 38 7.76 -9.95 48.65
N GLU D 39 9.07 -9.73 48.65
CA GLU D 39 9.60 -8.36 48.70
C GLU D 39 9.14 -7.55 47.49
N ARG D 40 9.06 -8.19 46.32
CA ARG D 40 8.48 -7.55 45.15
C ARG D 40 7.06 -7.08 45.44
N SER D 41 6.30 -7.87 46.19
CA SER D 41 4.86 -7.74 46.29
C SER D 41 4.40 -7.11 47.59
N ILE D 42 5.32 -6.55 48.37
CA ILE D 42 4.96 -5.84 49.60
C ILE D 42 4.30 -4.49 49.32
N PRO D 43 4.57 -3.76 48.20
CA PRO D 43 3.97 -2.41 48.10
C PRO D 43 2.58 -2.39 47.50
N SER D 44 1.87 -3.51 47.50
CA SER D 44 0.45 -3.54 47.16
C SER D 44 -0.35 -4.17 48.29
N ILE D 45 0.09 -3.94 49.52
CA ILE D 45 -0.71 -4.20 50.70
C ILE D 45 -1.06 -2.86 51.33
N ASN D 46 -2.15 -2.84 52.11
CA ASN D 46 -2.63 -1.59 52.68
C ASN D 46 -2.35 -1.46 54.17
N LYS D 47 -1.78 -2.50 54.81
CA LYS D 47 -1.36 -2.45 56.21
C LYS D 47 -2.50 -2.14 57.19
N THR D 48 -3.68 -1.83 56.68
CA THR D 48 -4.86 -1.58 57.49
C THR D 48 -6.03 -2.47 57.08
N GLY D 49 -6.18 -2.77 55.79
CA GLY D 49 -7.17 -3.72 55.34
C GLY D 49 -6.87 -5.13 55.84
N ASN D 50 -7.55 -6.14 55.31
CA ASN D 50 -7.38 -7.47 55.87
C ASN D 50 -6.00 -8.02 55.55
N LEU D 51 -5.22 -8.31 56.59
CA LEU D 51 -3.89 -8.88 56.43
C LEU D 51 -3.92 -10.39 56.28
N LYS D 52 -4.91 -10.92 55.54
CA LYS D 52 -4.94 -12.35 55.25
C LYS D 52 -5.60 -12.64 53.90
N GLN D 53 -6.71 -11.96 53.56
CA GLN D 53 -7.23 -12.09 52.20
C GLN D 53 -6.49 -11.20 51.22
N GLN D 54 -5.85 -10.14 51.71
CA GLN D 54 -4.97 -9.36 50.85
C GLN D 54 -3.79 -10.20 50.38
N ILE D 55 -3.05 -10.80 51.33
CA ILE D 55 -1.89 -11.62 50.96
C ILE D 55 -2.35 -12.79 50.08
N ALA D 56 -3.39 -13.50 50.51
CA ALA D 56 -3.83 -14.71 49.81
C ALA D 56 -4.44 -14.42 48.44
N LYS D 57 -5.02 -13.23 48.24
CA LYS D 57 -5.42 -12.83 46.89
C LYS D 57 -4.20 -12.37 46.10
N GLU D 58 -3.29 -11.66 46.76
CA GLU D 58 -2.07 -11.24 46.06
C GLU D 58 -1.21 -12.45 45.69
N VAL D 59 -1.14 -13.45 46.57
CA VAL D 59 -0.39 -14.65 46.21
C VAL D 59 -1.06 -15.34 45.03
N SER D 60 -2.36 -15.62 45.12
CA SER D 60 -3.05 -16.32 44.04
C SER D 60 -3.04 -15.52 42.75
N LYS D 61 -2.79 -14.21 42.83
CA LYS D 61 -2.58 -13.39 41.64
C LYS D 61 -1.16 -13.57 41.12
N VAL D 62 -0.17 -13.19 41.91
CA VAL D 62 1.22 -13.25 41.47
C VAL D 62 1.79 -14.67 41.46
N CYS D 63 1.10 -15.64 42.06
CA CYS D 63 1.64 -17.00 42.13
C CYS D 63 1.98 -17.55 40.75
N HIS D 64 1.17 -17.23 39.74
CA HIS D 64 1.38 -17.85 38.44
C HIS D 64 2.70 -17.42 37.81
N MET D 65 3.16 -16.21 38.10
CA MET D 65 4.45 -15.78 37.57
C MET D 65 5.59 -16.59 38.17
N MET D 66 5.76 -16.47 39.50
CA MET D 66 6.96 -16.96 40.16
C MET D 66 7.18 -18.45 39.94
N THR D 67 6.11 -19.23 39.92
CA THR D 67 6.22 -20.67 39.80
C THR D 67 6.22 -21.15 38.34
N GLU D 68 6.36 -20.24 37.38
CA GLU D 68 6.51 -20.58 35.98
C GLU D 68 7.83 -20.03 35.45
N PRO D 69 8.40 -20.65 34.43
CA PRO D 69 9.74 -20.23 33.97
C PRO D 69 9.69 -18.89 33.24
N THR D 70 10.86 -18.27 33.15
CA THR D 70 10.99 -16.97 32.50
C THR D 70 10.73 -17.09 31.00
N GLN D 71 10.28 -15.98 30.42
CA GLN D 71 10.19 -15.86 28.97
C GLN D 71 11.35 -15.12 28.36
N SER D 72 12.14 -14.42 29.18
CA SER D 72 13.25 -13.63 28.68
C SER D 72 14.25 -14.51 27.93
N ALA D 73 14.39 -14.25 26.63
CA ALA D 73 15.39 -14.97 25.84
C ALA D 73 16.79 -14.76 26.38
N GLY D 74 17.05 -13.59 26.99
CA GLY D 74 18.36 -13.36 27.57
C GLY D 74 18.64 -14.25 28.76
N GLN D 75 17.67 -14.36 29.67
CA GLN D 75 17.86 -15.22 30.83
C GLN D 75 17.88 -16.69 30.46
N ALA D 76 17.11 -17.08 29.44
CA ALA D 76 17.14 -18.46 28.97
C ALA D 76 18.52 -18.81 28.42
N SER D 77 19.08 -17.95 27.58
CA SER D 77 20.42 -18.17 27.05
C SER D 77 21.45 -18.21 28.15
N ASN D 78 21.24 -17.44 29.22
CA ASN D 78 22.12 -17.52 30.39
C ASN D 78 21.97 -18.87 31.08
N ASP D 79 20.74 -19.36 31.24
CA ASP D 79 20.52 -20.63 31.92
C ASP D 79 21.12 -21.78 31.11
N VAL D 80 21.07 -21.69 29.78
CA VAL D 80 21.73 -22.68 28.94
C VAL D 80 23.24 -22.61 29.13
N CYS D 81 23.80 -21.40 29.10
CA CYS D 81 25.25 -21.24 29.18
C CYS D 81 25.80 -21.72 30.52
N GLU D 82 25.11 -21.39 31.61
CA GLU D 82 25.56 -21.82 32.92
C GLU D 82 25.60 -23.34 33.03
N LEU D 83 24.67 -24.01 32.36
CA LEU D 83 24.58 -25.47 32.49
C LEU D 83 25.65 -26.17 31.68
N LEU D 84 26.07 -25.60 30.55
CA LEU D 84 27.03 -26.25 29.67
C LEU D 84 28.46 -25.81 29.91
N LEU D 85 28.68 -24.69 30.61
CA LEU D 85 30.00 -24.17 30.84
C LEU D 85 30.38 -24.06 32.32
N GLY D 86 29.41 -23.98 33.21
CA GLY D 86 29.73 -23.62 34.58
C GLY D 86 29.75 -22.11 34.77
N LYS D 87 29.50 -21.69 36.01
CA LYS D 87 29.41 -20.28 36.33
C LYS D 87 30.67 -19.53 35.90
N ILE D 88 31.85 -20.12 36.15
CA ILE D 88 33.10 -19.41 35.93
C ILE D 88 33.38 -19.28 34.45
N GLU D 89 33.17 -20.34 33.67
CA GLU D 89 33.43 -20.28 32.24
C GLU D 89 32.35 -19.51 31.49
N ALA D 90 31.11 -19.53 31.98
CA ALA D 90 30.06 -18.73 31.35
C ALA D 90 30.32 -17.24 31.55
N GLU D 91 30.86 -16.87 32.72
CA GLU D 91 31.23 -15.47 32.95
C GLU D 91 32.25 -15.00 31.94
N LYS D 92 33.29 -15.81 31.68
CA LYS D 92 34.26 -15.47 30.66
C LYS D 92 33.63 -15.41 29.27
N PHE D 93 32.63 -16.26 29.02
CA PHE D 93 31.96 -16.25 27.73
C PHE D 93 31.17 -14.97 27.51
N HIS D 94 30.53 -14.46 28.57
CA HIS D 94 29.78 -13.21 28.45
C HIS D 94 30.67 -12.06 28.04
N PHE D 95 31.91 -12.04 28.52
CA PHE D 95 32.81 -10.91 28.31
C PHE D 95 33.61 -11.01 27.02
N THR D 96 33.47 -12.10 26.27
CA THR D 96 33.93 -12.09 24.89
C THR D 96 32.99 -11.26 24.03
N LYS D 97 33.55 -10.58 23.04
CA LYS D 97 32.75 -9.68 22.22
C LYS D 97 31.98 -10.46 21.16
N TYR D 98 30.80 -9.94 20.83
CA TYR D 98 30.07 -10.46 19.68
C TYR D 98 30.77 -10.04 18.40
N GLU D 99 30.59 -10.85 17.36
CA GLU D 99 31.03 -10.50 16.02
C GLU D 99 29.82 -10.49 15.09
N ALA D 100 29.67 -9.41 14.34
CA ALA D 100 28.57 -9.30 13.40
C ALA D 100 28.69 -10.36 12.31
N LEU D 101 27.56 -10.96 11.97
CA LEU D 101 27.55 -11.97 10.92
C LEU D 101 27.65 -11.27 9.55
N SER D 102 28.52 -11.79 8.69
CA SER D 102 28.73 -11.18 7.40
C SER D 102 27.46 -11.24 6.54
N ALA D 103 27.52 -10.59 5.38
CA ALA D 103 26.35 -10.43 4.53
C ALA D 103 25.78 -11.77 4.06
N ASP D 104 26.62 -12.80 3.96
CA ASP D 104 26.19 -14.13 3.55
C ASP D 104 26.51 -15.19 4.60
N GLY D 105 26.86 -14.78 5.83
CA GLY D 105 27.26 -15.75 6.83
C GLY D 105 28.66 -16.28 6.66
N ASP D 106 29.51 -15.56 5.94
CA ASP D 106 30.89 -15.99 5.67
C ASP D 106 31.60 -16.48 6.93
N ASN D 107 31.75 -15.59 7.91
CA ASN D 107 32.68 -15.84 9.00
C ASN D 107 32.20 -16.96 9.92
N LEU D 108 30.89 -17.04 10.18
CA LEU D 108 30.41 -18.10 11.06
C LEU D 108 30.40 -19.45 10.34
N LYS D 109 29.91 -19.48 9.08
CA LYS D 109 29.93 -20.71 8.33
C LYS D 109 31.34 -21.29 8.23
N ASN D 110 32.33 -20.43 8.07
CA ASN D 110 33.70 -20.84 7.82
C ASN D 110 34.50 -21.08 9.10
N VAL D 111 33.93 -20.81 10.29
CA VAL D 111 34.54 -21.25 11.52
C VAL D 111 33.95 -22.59 11.98
N LEU D 112 32.81 -23.01 11.42
CA LEU D 112 32.29 -24.35 11.66
C LEU D 112 32.95 -25.39 10.77
N GLU D 113 33.55 -24.96 9.66
CA GLU D 113 34.25 -25.90 8.77
C GLU D 113 35.67 -26.16 9.29
N ASN D 114 36.33 -25.14 9.87
CA ASN D 114 37.62 -25.36 10.53
C ASN D 114 37.50 -26.45 11.59
N THR D 115 36.43 -26.44 12.36
CA THR D 115 36.27 -27.35 13.48
C THR D 115 35.82 -28.72 12.99
N ALA D 116 36.50 -29.76 13.47
CA ALA D 116 36.19 -31.12 13.04
C ALA D 116 34.90 -31.60 13.69
N PRO D 117 33.96 -32.16 12.93
CA PRO D 117 32.70 -32.61 13.52
C PRO D 117 32.82 -33.86 14.39
N SER D 118 33.97 -34.54 14.35
CA SER D 118 34.20 -35.72 15.18
C SER D 118 35.10 -35.42 16.37
N SER D 119 35.29 -34.15 16.70
CA SER D 119 36.28 -33.78 17.71
C SER D 119 35.86 -32.66 18.65
N THR D 120 34.82 -31.88 18.35
CA THR D 120 34.52 -30.69 19.12
C THR D 120 33.03 -30.59 19.39
N ASN D 121 32.69 -30.01 20.54
CA ASN D 121 31.32 -29.70 20.92
C ASN D 121 31.17 -28.19 21.00
N LEU D 122 30.34 -27.63 20.15
CA LEU D 122 30.28 -26.19 19.94
C LEU D 122 28.96 -25.62 20.42
N LEU D 123 29.04 -24.47 21.10
CA LEU D 123 27.87 -23.69 21.48
C LEU D 123 28.02 -22.30 20.87
N ILE D 124 26.97 -21.84 20.20
CA ILE D 124 26.95 -20.52 19.58
C ILE D 124 25.82 -19.72 20.23
N ARG D 125 26.15 -18.54 20.73
CA ARG D 125 25.18 -17.64 21.34
C ARG D 125 24.92 -16.46 20.41
N PHE D 126 23.65 -16.11 20.24
CA PHE D 126 23.26 -15.04 19.34
C PHE D 126 22.60 -13.90 20.09
N GLU D 127 22.80 -12.69 19.58
CA GLU D 127 22.04 -11.52 19.99
C GLU D 127 21.61 -10.79 18.73
N ILE D 128 20.35 -10.39 18.68
CA ILE D 128 19.77 -9.73 17.52
C ILE D 128 19.34 -8.33 17.93
N ASP D 129 19.91 -7.33 17.28
CA ASP D 129 19.51 -5.95 17.50
C ASP D 129 18.47 -5.53 16.48
N ARG D 130 17.60 -4.61 16.88
CA ARG D 130 16.67 -3.97 15.97
C ARG D 130 17.02 -2.48 15.91
N GLU D 131 16.84 -1.90 14.73
CA GLU D 131 17.08 -0.47 14.56
C GLU D 131 15.90 0.29 15.15
N ASP D 132 16.18 1.18 16.09
CA ASP D 132 15.15 1.93 16.83
C ASP D 132 15.35 3.42 16.58
N PRO D 133 15.02 3.90 15.40
CA PRO D 133 15.28 5.31 15.06
C PRO D 133 14.43 6.24 15.89
N PRO D 134 14.72 7.54 15.87
CA PRO D 134 13.80 8.51 16.47
C PRO D 134 12.54 8.63 15.63
N ILE D 135 11.42 8.87 16.30
CA ILE D 135 10.12 8.97 15.65
C ILE D 135 9.45 10.31 15.89
N VAL D 136 10.07 11.21 16.64
CA VAL D 136 9.48 12.49 17.01
C VAL D 136 10.35 13.61 16.47
N LEU D 137 9.71 14.65 15.94
CA LEU D 137 10.38 15.92 15.65
C LEU D 137 9.85 16.96 16.64
N VAL D 138 10.77 17.58 17.37
CA VAL D 138 10.43 18.63 18.33
C VAL D 138 10.89 19.96 17.74
N LYS D 139 9.94 20.87 17.54
CA LYS D 139 10.22 22.22 17.09
C LYS D 139 10.31 23.13 18.29
N THR D 140 11.49 23.71 18.51
CA THR D 140 11.76 24.49 19.71
C THR D 140 12.33 25.85 19.32
N LYS D 141 12.21 26.80 20.25
CA LYS D 141 12.92 28.06 20.16
C LYS D 141 14.33 27.88 20.71
N ASN D 142 15.31 28.46 20.01
CA ASN D 142 16.70 28.42 20.49
C ASN D 142 16.79 28.91 21.92
N GLU D 143 15.98 29.91 22.27
CA GLU D 143 15.94 30.40 23.64
C GLU D 143 15.67 29.27 24.63
N ASN D 144 14.72 28.40 24.31
CA ASN D 144 14.29 27.34 25.21
C ASN D 144 14.80 25.97 24.75
N PHE D 145 16.02 25.92 24.24
CA PHE D 145 16.67 24.65 23.89
C PHE D 145 17.89 24.46 24.77
N ASN D 146 17.85 23.43 25.61
CA ASN D 146 18.95 23.08 26.49
C ASN D 146 19.39 21.66 26.19
N PRO D 147 20.56 21.45 25.58
CA PRO D 147 20.97 20.07 25.21
C PRO D 147 21.10 19.12 26.39
N GLU D 148 21.14 19.63 27.63
CA GLU D 148 21.19 18.75 28.79
C GLU D 148 19.80 18.27 29.19
N THR D 149 18.84 19.19 29.24
CA THR D 149 17.48 18.82 29.65
C THR D 149 16.75 18.04 28.57
N ALA D 150 17.10 18.25 27.30
CA ALA D 150 16.29 17.79 26.19
C ALA D 150 16.11 16.28 26.20
N VAL D 151 14.87 15.84 25.93
CA VAL D 151 14.56 14.42 25.85
C VAL D 151 15.40 13.77 24.77
N LYS D 152 15.86 12.55 25.03
CA LYS D 152 16.78 11.86 24.15
C LYS D 152 16.02 11.05 23.09
N ASN D 153 16.77 10.61 22.07
CA ASN D 153 16.22 9.95 20.89
C ASN D 153 15.11 10.79 20.25
N LYS D 154 15.44 12.04 19.97
CA LYS D 154 14.51 12.97 19.35
C LYS D 154 15.27 13.93 18.45
N ILE D 155 14.59 14.40 17.41
CA ILE D 155 15.15 15.38 16.47
C ILE D 155 14.61 16.75 16.85
N TYR D 156 15.51 17.72 17.00
CA TYR D 156 15.15 19.06 17.44
C TYR D 156 15.37 20.05 16.31
N LEU D 157 14.31 20.77 15.95
CA LEU D 157 14.35 21.77 14.89
C LEU D 157 14.29 23.15 15.52
N LEU D 158 15.43 23.84 15.52
CA LEU D 158 15.48 25.22 15.98
C LEU D 158 15.34 26.14 14.77
N GLU D 159 15.40 27.45 15.02
CA GLU D 159 15.26 28.41 13.93
C GLU D 159 16.48 28.39 13.00
N ASN D 160 17.66 28.15 13.56
CA ASN D 160 18.91 28.19 12.80
C ASN D 160 19.61 26.85 12.70
N LYS D 161 19.03 25.79 13.26
CA LYS D 161 19.74 24.52 13.37
C LYS D 161 18.75 23.36 13.26
N LEU D 162 19.30 22.18 13.03
CA LEU D 162 18.52 20.95 13.03
C LEU D 162 19.41 19.85 13.60
N TYR D 163 19.09 19.41 14.82
CA TYR D 163 19.91 18.47 15.57
C TYR D 163 19.24 17.11 15.70
N PHE D 164 20.07 16.10 15.99
CA PHE D 164 19.60 14.79 16.43
C PHE D 164 20.29 14.46 17.74
N ILE D 165 19.51 14.26 18.79
CA ILE D 165 20.01 13.81 20.09
C ILE D 165 19.74 12.32 20.19
N ASP D 166 20.80 11.52 20.36
CA ASP D 166 20.63 10.07 20.40
C ASP D 166 20.47 9.61 21.84
N LYS D 167 20.44 8.28 22.04
CA LYS D 167 20.14 7.73 23.35
C LYS D 167 21.21 8.01 24.39
N MET D 168 22.41 8.42 23.95
CA MET D 168 23.49 8.75 24.88
C MET D 168 23.56 10.24 25.20
N GLY D 169 22.70 11.05 24.59
CA GLY D 169 22.78 12.49 24.76
C GLY D 169 23.70 13.20 23.79
N ASN D 170 24.39 12.46 22.92
CA ASN D 170 25.20 13.08 21.88
C ASN D 170 24.33 13.92 20.97
N LEU D 171 24.84 15.08 20.59
CA LEU D 171 24.09 16.08 19.82
C LEU D 171 24.74 16.23 18.45
N PHE D 172 24.13 15.63 17.43
CA PHE D 172 24.62 15.69 16.07
C PHE D 172 23.92 16.80 15.30
N ASN D 173 24.70 17.68 14.67
CA ASN D 173 24.13 18.62 13.72
C ASN D 173 23.86 17.88 12.41
N LEU D 174 22.62 18.00 11.91
CA LEU D 174 22.20 17.21 10.77
C LEU D 174 22.59 17.81 9.43
N GLY D 175 23.16 19.01 9.40
CA GLY D 175 23.64 19.56 8.14
C GLY D 175 23.04 20.88 7.69
N PRO D 176 21.71 20.97 7.55
CA PRO D 176 21.11 22.10 6.84
C PRO D 176 21.56 23.45 7.36
N GLY D 177 21.57 24.44 6.47
CA GLY D 177 22.05 25.77 6.79
C GLY D 177 21.00 26.62 7.46
N LYS D 178 21.42 27.86 7.79
CA LYS D 178 20.57 28.77 8.54
C LYS D 178 19.25 29.04 7.82
N LYS D 179 19.32 29.28 6.51
CA LYS D 179 18.13 29.64 5.75
C LYS D 179 17.26 28.44 5.41
N LYS D 180 17.83 27.23 5.31
CA LYS D 180 17.00 26.04 5.17
C LYS D 180 16.27 25.73 6.47
N CYS D 181 16.97 25.88 7.61
CA CYS D 181 16.33 25.66 8.90
C CYS D 181 15.21 26.68 9.14
N THR D 182 15.45 27.94 8.80
CA THR D 182 14.39 28.95 8.85
C THR D 182 13.20 28.52 8.00
N GLN D 183 13.48 28.04 6.79
CA GLN D 183 12.42 27.59 5.88
C GLN D 183 11.59 26.47 6.51
N LEU D 184 12.25 25.45 7.04
CA LEU D 184 11.52 24.33 7.63
C LEU D 184 10.82 24.75 8.92
N PHE D 185 11.51 25.51 9.78
CA PHE D 185 10.94 25.95 11.05
C PHE D 185 9.61 26.67 10.83
N ASN D 186 9.62 27.74 10.03
CA ASN D 186 8.42 28.55 9.85
C ASN D 186 7.37 27.88 8.96
N ALA D 187 7.71 26.78 8.30
CA ALA D 187 6.71 26.00 7.57
C ALA D 187 5.95 25.05 8.49
N ILE D 188 6.20 25.13 9.79
CA ILE D 188 5.63 24.24 10.79
C ILE D 188 5.32 25.07 12.02
N GLY D 189 4.19 24.80 12.68
CA GLY D 189 3.78 25.66 13.76
C GLY D 189 2.97 24.95 14.83
N ASP D 190 2.70 25.70 15.90
CA ASP D 190 1.77 25.32 16.96
C ASP D 190 2.28 24.16 17.82
N SER D 191 2.17 22.94 17.29
CA SER D 191 2.26 21.74 18.10
C SER D 191 3.64 21.60 18.75
N ALA D 192 3.67 20.87 19.86
CA ALA D 192 4.92 20.50 20.49
C ALA D 192 5.71 19.57 19.58
N GLU D 193 5.20 18.35 19.37
CA GLU D 193 5.91 17.31 18.67
C GLU D 193 5.16 16.89 17.41
N TYR D 194 5.90 16.28 16.48
CA TYR D 194 5.35 15.74 15.26
C TYR D 194 5.95 14.37 15.00
N SER D 195 5.16 13.50 14.39
CA SER D 195 5.61 12.16 14.06
C SER D 195 6.52 12.18 12.84
N LEU D 196 7.46 11.23 12.80
CA LEU D 196 8.38 11.05 11.68
C LEU D 196 8.02 9.87 10.80
N CYS D 197 7.02 9.07 11.21
CA CYS D 197 6.71 7.83 10.53
C CYS D 197 5.27 7.73 10.05
N ASP D 198 4.46 8.77 10.24
CA ASP D 198 3.05 8.76 9.89
C ASP D 198 2.86 8.63 8.38
N PRO D 199 2.31 7.51 7.87
CA PRO D 199 2.11 7.41 6.42
C PRO D 199 1.02 8.31 5.89
N PHE D 200 0.10 8.77 6.74
CA PHE D 200 -0.92 9.72 6.31
C PHE D 200 -0.42 11.15 6.36
N VAL D 201 0.84 11.35 6.77
CA VAL D 201 1.52 12.62 6.60
C VAL D 201 2.57 12.55 5.48
N LEU D 202 3.03 11.35 5.11
CA LEU D 202 4.22 11.15 4.28
C LEU D 202 3.94 10.70 2.86
N GLU D 203 3.05 9.71 2.66
CA GLU D 203 2.86 9.17 1.31
C GLU D 203 2.14 10.15 0.39
N GLU D 204 1.25 10.97 0.94
CA GLU D 204 0.55 11.99 0.15
C GLU D 204 0.54 13.27 0.99
N PRO D 205 1.53 14.14 0.80
CA PRO D 205 1.56 15.39 1.57
C PRO D 205 0.65 16.45 0.95
N GLU D 206 0.00 17.22 1.82
CA GLU D 206 -0.97 18.23 1.41
C GLU D 206 -0.56 19.64 1.81
N LYS D 207 -0.17 19.86 3.06
CA LYS D 207 0.22 21.17 3.54
C LYS D 207 1.68 21.44 3.19
N PRO D 208 2.17 22.66 3.42
CA PRO D 208 3.63 22.84 3.47
C PRO D 208 4.26 22.12 4.65
N GLU D 209 3.50 21.91 5.72
CA GLU D 209 4.01 21.22 6.89
C GLU D 209 4.42 19.79 6.56
N ASP D 210 3.55 19.05 5.88
CA ASP D 210 3.86 17.66 5.53
C ASP D 210 5.09 17.57 4.66
N PHE D 211 5.27 18.53 3.75
CA PHE D 211 6.45 18.52 2.88
C PHE D 211 7.73 18.81 3.67
N ALA D 212 7.62 19.56 4.76
CA ALA D 212 8.80 19.86 5.57
C ALA D 212 9.17 18.70 6.47
N ILE D 213 8.19 18.04 7.09
CA ILE D 213 8.45 16.81 7.82
C ILE D 213 9.06 15.77 6.90
N SER D 214 8.44 15.58 5.72
CA SER D 214 8.98 14.65 4.73
C SER D 214 10.42 14.99 4.38
N GLU D 215 10.74 16.27 4.24
CA GLU D 215 12.09 16.66 3.90
C GLU D 215 13.06 16.39 5.04
N ILE D 216 12.63 16.59 6.29
CA ILE D 216 13.48 16.30 7.43
C ILE D 216 13.81 14.82 7.50
N VAL D 217 12.84 13.97 7.14
CA VAL D 217 13.07 12.53 7.11
C VAL D 217 14.16 12.20 6.09
N ASP D 218 14.03 12.74 4.88
CA ASP D 218 15.03 12.47 3.84
C ASP D 218 16.41 12.99 4.23
N ILE D 219 16.46 14.11 4.96
CA ILE D 219 17.73 14.60 5.48
C ILE D 219 18.31 13.61 6.49
N PHE D 220 17.47 13.14 7.42
CA PHE D 220 17.92 12.19 8.42
C PHE D 220 18.27 10.85 7.81
N ASN D 221 17.52 10.44 6.78
CA ASN D 221 17.74 9.12 6.19
C ASN D 221 19.04 9.06 5.41
N GLU D 222 19.36 10.12 4.65
CA GLU D 222 20.62 10.17 3.93
C GLU D 222 21.82 10.15 4.88
N GLN D 223 21.59 10.41 6.17
CA GLN D 223 22.66 10.51 7.16
C GLN D 223 22.68 9.36 8.16
N LYS D 224 21.78 8.38 8.03
CA LYS D 224 21.68 7.32 9.03
C LYS D 224 23.02 6.65 9.29
N GLU D 225 23.86 6.58 8.26
CA GLU D 225 25.18 5.97 8.38
C GLU D 225 25.97 6.50 9.57
N ARG D 226 25.76 7.77 9.94
CA ARG D 226 26.53 8.37 11.02
C ARG D 226 26.15 7.81 12.38
N PHE D 227 24.94 7.29 12.53
CA PHE D 227 24.35 7.07 13.84
C PHE D 227 24.17 5.58 14.14
N ASP D 228 24.09 5.29 15.43
CA ASP D 228 23.87 3.94 15.96
C ASP D 228 22.61 4.00 16.83
N PHE D 229 21.49 3.50 16.31
CA PHE D 229 20.27 3.38 17.09
C PHE D 229 19.85 1.92 17.23
N TRP D 230 20.82 1.01 17.24
CA TRP D 230 20.53 -0.39 17.53
C TRP D 230 20.19 -0.58 19.00
N ILE D 231 19.15 -1.39 19.26
CA ILE D 231 18.78 -1.77 20.62
C ILE D 231 18.63 -3.28 20.64
N GLY D 232 19.19 -3.92 21.67
CA GLY D 232 19.17 -5.37 21.78
C GLY D 232 17.77 -5.94 21.85
N SER D 233 17.42 -6.82 20.90
CA SER D 233 16.06 -7.32 20.84
C SER D 233 15.96 -8.77 21.30
N HIS D 234 16.55 -9.69 20.55
CA HIS D 234 16.36 -11.12 20.79
C HIS D 234 17.67 -11.82 21.11
N SER D 235 17.56 -12.89 21.89
CA SER D 235 18.68 -13.73 22.28
C SER D 235 18.33 -15.19 22.07
N PHE D 236 19.28 -15.97 21.57
CA PHE D 236 19.09 -17.42 21.49
C PHE D 236 20.45 -18.08 21.35
N THR D 237 20.43 -19.41 21.46
CA THR D 237 21.64 -20.22 21.37
C THR D 237 21.42 -21.38 20.41
N ILE D 238 22.53 -21.88 19.86
CA ILE D 238 22.54 -23.09 19.06
C ILE D 238 23.63 -23.99 19.59
N TYR D 239 23.34 -25.29 19.69
CA TYR D 239 24.27 -26.28 20.20
C TYR D 239 24.52 -27.32 19.12
N ILE D 240 25.79 -27.60 18.86
CA ILE D 240 26.21 -28.57 17.86
C ILE D 240 27.04 -29.65 18.55
N PRO D 241 26.42 -30.75 18.93
CA PRO D 241 27.16 -31.83 19.60
C PRO D 241 28.06 -32.58 18.63
N GLN D 242 29.12 -33.15 19.20
CA GLN D 242 30.01 -34.05 18.46
C GLN D 242 29.23 -35.18 17.81
N THR D 243 29.69 -35.58 16.63
CA THR D 243 29.12 -36.75 15.95
C THR D 243 30.06 -37.93 16.12
N LEU D 244 29.50 -39.14 16.07
CA LEU D 244 30.27 -40.37 16.21
C LEU D 244 30.52 -40.97 14.84
N GLY D 245 31.79 -41.25 14.54
CA GLY D 245 32.22 -41.50 13.18
C GLY D 245 31.98 -40.25 12.35
N GLU D 246 32.12 -40.40 11.04
CA GLU D 246 31.75 -39.29 10.16
C GLU D 246 30.25 -39.42 9.89
N SER D 247 29.49 -38.98 10.88
CA SER D 247 28.06 -38.76 10.72
C SER D 247 27.87 -37.32 10.25
N PRO D 248 26.67 -36.95 9.81
CA PRO D 248 26.42 -35.55 9.49
C PRO D 248 26.16 -34.73 10.74
N ARG D 249 26.68 -33.51 10.73
CA ARG D 249 26.39 -32.56 11.80
C ARG D 249 24.89 -32.31 11.89
N GLN D 250 24.44 -31.84 13.06
CA GLN D 250 23.02 -31.70 13.32
C GLN D 250 22.61 -30.25 13.58
N PHE D 251 22.98 -29.66 14.72
CA PHE D 251 22.61 -28.32 15.20
C PHE D 251 21.19 -28.30 15.78
N TYR D 252 21.03 -27.64 16.93
CA TYR D 252 19.76 -27.50 17.65
C TYR D 252 19.64 -26.11 18.27
N PRO D 253 18.59 -25.35 17.94
CA PRO D 253 18.45 -24.01 18.52
C PRO D 253 17.58 -23.98 19.77
N TYR D 254 18.01 -23.25 20.80
CA TYR D 254 17.29 -23.12 22.06
C TYR D 254 16.95 -21.66 22.31
N GLN D 255 15.74 -21.39 22.78
CA GLN D 255 15.35 -20.02 23.05
C GLN D 255 14.08 -19.98 23.91
N ALA D 256 13.91 -18.84 24.57
CA ALA D 256 12.62 -18.37 25.07
C ALA D 256 12.29 -17.08 24.32
N TYR D 257 11.15 -16.48 24.64
CA TYR D 257 10.74 -15.25 23.96
C TYR D 257 9.79 -14.50 24.87
N PHE D 258 10.17 -13.27 25.24
CA PHE D 258 9.35 -12.47 26.15
C PHE D 258 7.96 -12.24 25.57
N GLY D 259 6.94 -12.50 26.38
CA GLY D 259 5.57 -12.38 25.94
C GLY D 259 5.08 -13.50 25.05
N SER D 260 5.90 -14.52 24.80
CA SER D 260 5.48 -15.65 23.96
C SER D 260 5.62 -16.96 24.70
N HIS D 261 6.83 -17.47 24.90
CA HIS D 261 6.99 -18.82 25.43
C HIS D 261 8.23 -18.89 26.32
N THR D 262 8.41 -20.06 26.94
CA THR D 262 9.59 -20.39 27.73
C THR D 262 10.45 -21.39 26.97
N LEU D 263 11.64 -21.65 27.50
CA LEU D 263 12.49 -22.69 26.95
C LEU D 263 11.85 -24.07 27.12
N GLN D 264 11.11 -24.26 28.21
CA GLN D 264 10.38 -25.51 28.39
C GLN D 264 9.33 -25.69 27.29
N ASP D 265 8.56 -24.64 27.01
CA ASP D 265 7.58 -24.69 25.92
C ASP D 265 8.27 -24.96 24.59
N TRP D 266 9.44 -24.35 24.38
CA TRP D 266 10.17 -24.52 23.12
C TRP D 266 10.58 -25.98 22.91
N PHE D 267 10.96 -26.66 23.99
CA PHE D 267 11.34 -28.06 23.90
C PHE D 267 10.13 -28.98 23.82
N VAL D 268 9.10 -28.70 24.63
CA VAL D 268 7.83 -29.41 24.58
C VAL D 268 7.31 -29.36 23.15
N SER D 269 7.67 -28.29 22.43
CA SER D 269 7.19 -28.06 21.07
C SER D 269 7.94 -28.85 20.01
N ASP D 270 9.17 -29.29 20.28
CA ASP D 270 10.06 -29.96 19.33
C ASP D 270 10.50 -29.05 18.19
N LYS D 271 10.28 -27.73 18.28
CA LYS D 271 10.72 -26.85 17.22
C LYS D 271 12.25 -26.81 17.13
N ASP D 272 12.94 -27.04 18.24
CA ASP D 272 14.37 -27.28 18.18
C ASP D 272 14.69 -28.44 17.25
N GLU D 273 13.90 -29.51 17.33
CA GLU D 273 14.08 -30.64 16.43
C GLU D 273 13.58 -30.30 15.04
N TYR D 274 12.39 -29.69 14.94
CA TYR D 274 11.90 -29.16 13.69
C TYR D 274 13.01 -28.35 13.01
N LEU D 275 13.40 -27.22 13.60
CA LEU D 275 14.37 -26.33 12.94
C LEU D 275 15.63 -27.08 12.52
N SER D 276 15.97 -28.17 13.19
CA SER D 276 17.12 -28.97 12.79
C SER D 276 16.95 -29.60 11.40
N ARG D 277 15.73 -29.66 10.86
CA ARG D 277 15.54 -30.25 9.52
C ARG D 277 16.44 -29.60 8.48
N ILE D 278 16.62 -28.28 8.56
CA ILE D 278 17.05 -27.55 7.37
C ILE D 278 18.55 -27.62 7.15
N GLY D 279 19.35 -27.90 8.18
CA GLY D 279 20.79 -27.93 8.02
C GLY D 279 21.43 -26.61 8.42
N ILE D 280 22.64 -26.67 8.99
CA ILE D 280 23.26 -25.48 9.56
C ILE D 280 23.59 -24.45 8.47
N ASP D 281 23.77 -24.91 7.24
CA ASP D 281 24.11 -23.98 6.16
C ASP D 281 22.88 -23.20 5.70
N LYS D 282 21.71 -23.84 5.68
CA LYS D 282 20.48 -23.16 5.29
C LYS D 282 19.95 -22.27 6.41
N TYR D 283 20.22 -22.63 7.68
CA TYR D 283 19.84 -21.76 8.79
C TYR D 283 20.65 -20.48 8.79
N ILE D 284 21.96 -20.57 8.56
CA ILE D 284 22.81 -19.40 8.51
C ILE D 284 22.46 -18.54 7.30
N GLU D 285 22.15 -19.18 6.17
CA GLU D 285 21.73 -18.45 4.98
C GLU D 285 20.57 -17.50 5.28
N LYS D 286 19.51 -18.04 5.90
CA LYS D 286 18.33 -17.24 6.18
C LYS D 286 18.61 -16.19 7.27
N LEU D 287 19.51 -16.50 8.21
CA LEU D 287 19.94 -15.49 9.18
C LEU D 287 20.64 -14.33 8.48
N ALA D 288 21.46 -14.65 7.46
CA ALA D 288 22.16 -13.60 6.72
C ALA D 288 21.19 -12.73 5.93
N VAL D 289 20.19 -13.36 5.29
CA VAL D 289 19.18 -12.58 4.59
C VAL D 289 18.42 -11.70 5.57
N LEU D 290 18.11 -12.24 6.76
CA LEU D 290 17.40 -11.47 7.77
C LEU D 290 18.13 -10.17 8.13
N GLY D 291 19.46 -10.18 8.08
CA GLY D 291 20.22 -8.99 8.39
C GLY D 291 20.53 -8.15 7.17
N LYS D 292 20.42 -8.74 5.97
CA LYS D 292 20.77 -8.07 4.73
C LYS D 292 19.58 -7.44 4.02
N THR D 293 18.36 -7.88 4.32
CA THR D 293 17.20 -7.55 3.49
C THR D 293 16.61 -6.19 3.85
N THR D 294 15.95 -5.59 2.87
CA THR D 294 15.16 -4.38 3.06
C THR D 294 13.67 -4.63 2.81
N ASN D 295 13.29 -5.87 2.53
CA ASN D 295 11.89 -6.24 2.29
C ASN D 295 11.27 -6.66 3.62
N THR D 296 10.23 -5.94 4.04
CA THR D 296 9.60 -6.22 5.32
C THR D 296 8.95 -7.60 5.34
N LYS D 297 8.44 -8.06 4.20
CA LYS D 297 7.85 -9.40 4.14
C LYS D 297 8.90 -10.48 4.38
N GLU D 298 9.93 -10.52 3.52
CA GLU D 298 11.03 -11.46 3.67
C GLU D 298 11.58 -11.48 5.08
N ARG D 299 11.79 -10.29 5.65
CA ARG D 299 12.29 -10.19 7.03
C ARG D 299 11.32 -10.83 8.02
N SER D 300 10.04 -10.45 7.93
CA SER D 300 9.06 -10.93 8.90
C SER D 300 8.89 -12.45 8.83
N ASP D 301 9.03 -13.03 7.64
CA ASP D 301 8.80 -14.47 7.49
C ASP D 301 9.94 -15.30 8.07
N ILE D 302 11.19 -14.90 7.79
CA ILE D 302 12.34 -15.63 8.33
C ILE D 302 12.32 -15.56 9.85
N TYR D 303 12.12 -14.36 10.40
CA TYR D 303 12.02 -14.18 11.84
C TYR D 303 10.97 -15.10 12.45
N ALA D 304 9.82 -15.24 11.80
CA ALA D 304 8.74 -16.06 12.35
C ALA D 304 9.06 -17.54 12.23
N GLU D 305 9.57 -17.98 11.08
CA GLU D 305 9.87 -19.40 10.90
C GLU D 305 10.90 -19.87 11.91
N PHE D 306 11.76 -18.98 12.39
CA PHE D 306 12.85 -19.35 13.29
C PHE D 306 12.48 -19.13 14.76
N PHE D 307 11.88 -17.99 15.09
CA PHE D 307 11.75 -17.55 16.47
C PHE D 307 10.32 -17.58 16.99
N SER D 308 9.35 -17.98 16.18
CA SER D 308 7.97 -18.02 16.65
C SER D 308 7.73 -19.25 17.51
N LYS D 309 6.88 -19.08 18.51
CA LYS D 309 6.23 -20.23 19.13
C LYS D 309 5.63 -21.11 18.04
N ARG D 310 5.88 -22.41 18.13
CA ARG D 310 5.52 -23.32 17.05
C ARG D 310 4.02 -23.27 16.78
N GLY D 311 3.67 -23.29 15.49
CA GLY D 311 2.30 -23.18 15.06
C GLY D 311 1.84 -21.77 14.81
N ARG D 312 2.37 -20.80 15.56
CA ARG D 312 2.02 -19.40 15.42
C ARG D 312 2.83 -18.69 14.34
N GLU D 313 3.41 -19.44 13.40
CA GLU D 313 4.30 -18.85 12.41
C GLU D 313 3.57 -17.84 11.53
N ALA D 314 2.32 -18.14 11.17
CA ALA D 314 1.58 -17.27 10.25
C ALA D 314 1.23 -15.93 10.87
N PHE D 315 1.24 -15.82 12.21
CA PHE D 315 0.79 -14.62 12.89
C PHE D 315 1.84 -13.99 13.79
N PHE D 316 3.00 -14.62 13.97
CA PHE D 316 4.01 -14.08 14.88
C PHE D 316 4.56 -12.76 14.36
N CYS D 317 4.78 -12.65 13.06
CA CYS D 317 5.30 -11.43 12.47
C CYS D 317 4.31 -10.85 11.46
N ALA D 318 3.05 -10.76 11.84
CA ALA D 318 1.99 -10.29 10.96
C ALA D 318 1.29 -9.10 11.59
N HIS D 319 0.88 -8.17 10.72
CA HIS D 319 0.04 -7.02 11.10
C HIS D 319 0.76 -6.20 12.14
N LEU D 320 0.24 -6.04 13.36
CA LEU D 320 0.91 -5.22 14.36
C LEU D 320 2.36 -5.67 14.58
N ASN D 321 2.61 -6.98 14.48
CA ASN D 321 3.90 -7.56 14.80
C ASN D 321 4.84 -7.65 13.59
N GLU D 322 4.64 -6.82 12.57
CA GLU D 322 5.53 -6.87 11.42
C GLU D 322 6.93 -6.39 11.79
N LYS D 323 7.93 -7.00 11.18
CA LYS D 323 9.32 -6.58 11.36
C LYS D 323 9.62 -5.48 10.33
N ARG D 324 9.26 -4.25 10.71
CA ARG D 324 9.33 -3.13 9.78
C ARG D 324 10.72 -2.51 9.73
N GLN D 325 11.49 -2.60 10.82
CA GLN D 325 12.82 -2.00 10.89
C GLN D 325 13.90 -3.05 10.64
N PRO D 326 15.11 -2.64 10.28
CA PRO D 326 16.17 -3.61 9.99
C PRO D 326 16.73 -4.27 11.25
N LEU D 327 17.24 -5.48 11.06
CA LEU D 327 17.84 -6.28 12.13
C LEU D 327 19.27 -6.64 11.76
N ARG D 328 20.09 -6.87 12.78
CA ARG D 328 21.45 -7.37 12.60
C ARG D 328 21.72 -8.47 13.60
N VAL D 329 22.34 -9.55 13.13
CA VAL D 329 22.59 -10.74 13.93
C VAL D 329 24.06 -10.75 14.35
N LYS D 330 24.30 -10.89 15.65
CA LYS D 330 25.65 -11.02 16.19
C LYS D 330 25.79 -12.39 16.83
N PHE D 331 27.04 -12.81 17.04
CA PHE D 331 27.26 -14.14 17.59
C PHE D 331 28.60 -14.23 18.28
N LYS D 332 28.72 -15.26 19.13
CA LYS D 332 29.96 -15.65 19.79
C LYS D 332 29.93 -17.16 19.92
N ILE D 333 31.11 -17.77 20.05
CA ILE D 333 31.22 -19.22 19.93
C ILE D 333 32.31 -19.73 20.86
N THR D 334 32.05 -20.88 21.48
CA THR D 334 33.00 -21.52 22.38
C THR D 334 32.78 -23.02 22.37
N GLU D 335 33.84 -23.76 22.68
CA GLU D 335 33.75 -25.21 22.82
C GLU D 335 33.31 -25.58 24.22
N ILE D 336 32.56 -26.68 24.34
CA ILE D 336 32.05 -27.12 25.63
C ILE D 336 32.66 -28.47 25.98
N ASN D 337 32.67 -28.77 27.27
CA ASN D 337 33.16 -30.05 27.77
C ASN D 337 31.96 -30.90 28.18
N PRO D 338 31.64 -31.97 27.46
CA PRO D 338 30.46 -32.77 27.83
C PRO D 338 30.51 -33.35 29.23
N GLU D 339 31.70 -33.61 29.77
CA GLU D 339 31.80 -34.15 31.11
C GLU D 339 31.19 -33.20 32.14
N LEU D 340 31.60 -31.92 32.11
CA LEU D 340 31.09 -30.97 33.08
C LEU D 340 29.64 -30.60 32.79
N ALA D 341 29.24 -30.56 31.52
CA ALA D 341 27.86 -30.24 31.19
C ALA D 341 26.92 -31.31 31.69
N LEU D 342 27.30 -32.58 31.56
CA LEU D 342 26.46 -33.66 32.07
C LEU D 342 26.49 -33.73 33.59
N LYS D 343 27.58 -33.29 34.21
CA LYS D 343 27.62 -33.21 35.68
C LYS D 343 26.73 -32.10 36.18
N ASN D 344 26.83 -30.90 35.58
CA ASN D 344 25.96 -29.80 35.97
C ASN D 344 24.50 -30.17 35.77
N LEU D 345 24.18 -30.84 34.67
CA LEU D 345 22.82 -31.33 34.45
C LEU D 345 22.45 -32.37 35.49
N GLN D 346 23.36 -33.29 35.80
CA GLN D 346 23.09 -34.31 36.81
C GLN D 346 22.89 -33.67 38.18
N GLU D 347 23.70 -32.66 38.53
CA GLU D 347 23.54 -32.01 39.83
C GLU D 347 22.17 -31.35 39.96
N THR D 348 21.67 -30.78 38.86
CA THR D 348 20.30 -30.26 38.88
C THR D 348 19.30 -31.40 39.08
N GLN D 349 19.55 -32.55 38.45
CA GLN D 349 18.70 -33.71 38.66
C GLN D 349 18.67 -34.13 40.11
N GLU D 350 19.80 -33.96 40.83
CA GLU D 350 19.84 -34.31 42.24
C GLU D 350 19.07 -33.30 43.09
N PHE D 351 19.22 -32.01 42.80
CA PHE D 351 18.41 -31.00 43.47
C PHE D 351 16.93 -31.18 43.14
N ILE D 352 16.62 -31.63 41.92
CA ILE D 352 15.24 -31.95 41.58
C ILE D 352 14.75 -33.11 42.43
N ASP D 353 15.60 -34.14 42.58
CA ASP D 353 15.19 -35.35 43.28
C ASP D 353 15.03 -35.14 44.78
N THR D 354 15.63 -34.08 45.34
CA THR D 354 15.41 -33.79 46.75
C THR D 354 13.98 -33.33 47.05
N HIS D 355 13.12 -33.25 46.03
CA HIS D 355 11.76 -32.78 46.20
C HIS D 355 10.80 -33.96 46.18
N PRO D 356 9.95 -34.11 47.19
CA PRO D 356 9.02 -35.25 47.20
C PRO D 356 8.14 -35.31 45.96
N GLY D 357 7.88 -36.53 45.50
CA GLY D 357 7.02 -36.74 44.35
C GLY D 357 7.35 -38.00 43.58
N GLU D 358 6.34 -38.79 43.24
CA GLU D 358 6.56 -40.00 42.46
C GLU D 358 6.79 -39.66 40.98
N ASN D 359 6.09 -38.66 40.47
CA ASN D 359 6.14 -38.30 39.07
C ASN D 359 6.76 -36.92 38.89
N PRO D 360 7.36 -36.65 37.72
CA PRO D 360 7.94 -35.31 37.48
C PRO D 360 6.96 -34.19 37.80
N SER D 361 5.74 -34.26 37.28
CA SER D 361 4.77 -33.20 37.53
C SER D 361 4.47 -33.02 39.01
N ASP D 362 4.56 -34.10 39.81
CA ASP D 362 4.32 -33.96 41.25
C ASP D 362 5.42 -33.16 41.92
N LYS D 363 6.68 -33.46 41.61
CA LYS D 363 7.79 -32.69 42.18
C LYS D 363 7.72 -31.24 41.75
N VAL D 364 7.21 -30.96 40.55
CA VAL D 364 6.95 -29.58 40.15
C VAL D 364 5.91 -28.95 41.07
N GLU D 365 4.84 -29.69 41.39
CA GLU D 365 3.82 -29.13 42.29
C GLU D 365 4.37 -28.94 43.70
N ASN D 366 5.23 -29.87 44.15
CA ASN D 366 5.89 -29.66 45.44
C ASN D 366 6.70 -28.38 45.44
N TYR D 367 7.41 -28.12 44.34
CA TYR D 367 8.18 -26.88 44.20
C TYR D 367 7.25 -25.67 44.17
N ARG D 368 6.29 -25.68 43.24
CA ARG D 368 5.33 -24.57 43.14
C ARG D 368 4.61 -24.32 44.46
N ASN D 369 4.23 -25.39 45.17
CA ASN D 369 3.54 -25.22 46.43
C ASN D 369 4.46 -24.66 47.50
N ARG D 370 5.70 -25.16 47.57
CA ARG D 370 6.66 -24.63 48.53
C ARG D 370 6.94 -23.17 48.28
N ALA D 371 6.86 -22.72 47.01
CA ALA D 371 7.00 -21.31 46.72
C ALA D 371 5.86 -20.51 47.33
N LYS D 372 4.62 -20.98 47.16
CA LYS D 372 3.46 -20.26 47.65
C LYS D 372 3.51 -20.08 49.16
N LEU D 373 3.65 -21.18 49.92
CA LEU D 373 3.68 -21.08 51.37
C LEU D 373 4.77 -20.12 51.84
N ALA D 374 5.95 -20.21 51.26
CA ALA D 374 7.06 -19.39 51.72
C ALA D 374 6.89 -17.91 51.36
N MET D 375 6.16 -17.61 50.28
CA MET D 375 5.87 -16.21 49.97
C MET D 375 4.95 -15.60 51.01
N THR D 376 3.81 -16.24 51.27
CA THR D 376 2.90 -15.75 52.30
C THR D 376 3.60 -15.60 53.64
N GLU D 377 4.37 -16.63 54.04
CA GLU D 377 4.98 -16.65 55.36
C GLU D 377 5.95 -15.49 55.54
N HIS D 378 6.68 -15.13 54.49
CA HIS D 378 7.60 -14.00 54.60
C HIS D 378 6.86 -12.68 54.61
N LEU D 379 5.79 -12.57 53.81
CA LEU D 379 4.97 -11.35 53.82
C LEU D 379 4.45 -11.05 55.22
N GLU D 380 4.04 -12.08 55.95
CA GLU D 380 3.56 -11.91 57.31
C GLU D 380 4.68 -11.69 58.31
N SER D 381 5.91 -12.12 58.01
CA SER D 381 7.04 -11.81 58.87
C SER D 381 7.34 -10.31 58.84
N LEU D 382 7.16 -9.68 57.67
CA LEU D 382 7.20 -8.23 57.60
C LEU D 382 5.98 -7.60 58.25
N LEU D 383 4.98 -8.40 58.64
CA LEU D 383 3.73 -7.93 59.22
C LEU D 383 3.09 -6.83 58.37
N GLY E 3 -10.41 22.40 14.02
CA GLY E 3 -10.74 21.16 13.36
C GLY E 3 -10.74 19.96 14.28
N LEU E 4 -9.89 18.99 13.95
CA LEU E 4 -9.72 17.73 14.67
C LEU E 4 -8.60 16.97 13.95
N PRO E 5 -7.62 16.41 14.69
CA PRO E 5 -6.42 15.81 14.06
C PRO E 5 -6.65 15.15 12.71
N ARG E 6 -6.05 15.73 11.67
CA ARG E 6 -6.33 15.33 10.30
C ARG E 6 -5.84 13.92 9.97
N ARG E 7 -5.03 13.30 10.83
CA ARG E 7 -4.71 11.89 10.63
C ARG E 7 -5.94 11.00 10.84
N ILE E 8 -6.72 11.30 11.88
CA ILE E 8 -8.00 10.60 12.07
C ILE E 8 -8.85 10.73 10.82
N ILE E 9 -9.02 11.96 10.34
CA ILE E 9 -9.93 12.24 9.23
C ILE E 9 -9.46 11.51 7.97
N LYS E 10 -8.17 11.61 7.67
CA LYS E 10 -7.68 11.09 6.39
C LYS E 10 -7.72 9.58 6.36
N GLU E 11 -7.45 8.92 7.49
CA GLU E 11 -7.49 7.46 7.52
C GLU E 11 -8.90 6.93 7.80
N THR E 12 -9.75 7.74 8.43
CA THR E 12 -11.17 7.38 8.53
C THR E 12 -11.79 7.28 7.15
N GLN E 13 -11.56 8.28 6.30
CA GLN E 13 -12.13 8.26 4.95
C GLN E 13 -11.49 7.16 4.11
N ARG E 14 -10.18 6.98 4.23
CA ARG E 14 -9.53 5.87 3.57
C ARG E 14 -10.21 4.54 3.94
N LEU E 15 -10.50 4.31 5.22
CA LEU E 15 -11.06 3.03 5.63
C LEU E 15 -12.49 2.86 5.12
N LEU E 16 -13.25 3.97 4.99
CA LEU E 16 -14.57 3.88 4.40
C LEU E 16 -14.48 3.61 2.90
N ALA E 17 -13.50 4.22 2.22
CA ALA E 17 -13.33 3.98 0.80
C ALA E 17 -12.99 2.52 0.52
N GLU E 18 -11.94 2.01 1.17
CA GLU E 18 -11.51 0.62 1.03
C GLU E 18 -11.56 -0.04 2.40
N PRO E 19 -12.72 -0.55 2.81
CA PRO E 19 -12.80 -1.30 4.07
C PRO E 19 -12.14 -2.66 3.97
N VAL E 20 -12.16 -3.42 5.06
CA VAL E 20 -11.44 -4.69 5.11
C VAL E 20 -12.41 -5.83 4.81
N PRO E 21 -12.02 -6.81 3.99
CA PRO E 21 -12.92 -7.93 3.71
C PRO E 21 -13.27 -8.70 4.97
N GLY E 22 -14.57 -8.95 5.16
CA GLY E 22 -15.08 -9.63 6.32
C GLY E 22 -15.43 -8.72 7.48
N ILE E 23 -14.88 -7.51 7.51
CA ILE E 23 -15.08 -6.56 8.60
C ILE E 23 -15.65 -5.27 8.03
N LYS E 24 -16.61 -4.69 8.73
CA LYS E 24 -17.01 -3.32 8.47
C LYS E 24 -16.82 -2.51 9.75
N ALA E 25 -16.41 -1.26 9.58
CA ALA E 25 -16.12 -0.40 10.72
C ALA E 25 -16.37 1.05 10.29
N GLU E 26 -17.18 1.76 11.07
CA GLU E 26 -17.60 3.10 10.71
C GLU E 26 -17.54 3.99 11.93
N PRO E 27 -17.36 5.30 11.74
CA PRO E 27 -17.31 6.22 12.89
C PRO E 27 -18.61 6.22 13.67
N ASP E 28 -18.55 6.80 14.86
CA ASP E 28 -19.74 7.10 15.63
C ASP E 28 -20.18 8.53 15.35
N GLU E 29 -21.49 8.76 15.34
CA GLU E 29 -22.01 10.06 14.93
C GLU E 29 -21.76 11.13 15.99
N SER E 30 -22.02 10.80 17.26
CA SER E 30 -21.86 11.77 18.34
C SER E 30 -20.41 11.94 18.78
N ASN E 31 -19.55 10.96 18.51
CA ASN E 31 -18.12 11.10 18.81
C ASN E 31 -17.37 10.31 17.74
N ALA E 32 -16.67 11.03 16.86
CA ALA E 32 -15.94 10.41 15.77
C ALA E 32 -14.64 9.74 16.23
N ARG E 33 -14.28 9.86 17.50
CA ARG E 33 -13.11 9.15 18.01
C ARG E 33 -13.39 7.66 18.21
N TYR E 34 -14.64 7.33 18.53
CA TYR E 34 -15.07 5.94 18.61
C TYR E 34 -15.57 5.48 17.25
N PHE E 35 -15.28 4.23 16.92
CA PHE E 35 -15.84 3.57 15.77
C PHE E 35 -16.78 2.47 16.25
N HIS E 36 -17.53 1.90 15.30
CA HIS E 36 -18.37 0.74 15.58
C HIS E 36 -18.05 -0.33 14.56
N VAL E 37 -17.73 -1.52 15.04
CA VAL E 37 -17.08 -2.55 14.24
C VAL E 37 -17.93 -3.81 14.25
N VAL E 38 -17.78 -4.62 13.20
CA VAL E 38 -18.44 -5.92 13.07
C VAL E 38 -17.52 -6.83 12.25
N ILE E 39 -17.18 -8.00 12.82
CA ILE E 39 -16.31 -8.97 12.15
C ILE E 39 -17.08 -10.25 11.89
N ALA E 40 -17.11 -10.66 10.63
CA ALA E 40 -17.65 -11.97 10.25
C ALA E 40 -16.75 -13.05 10.81
N GLY E 41 -17.27 -13.84 11.75
CA GLY E 41 -16.54 -14.94 12.32
C GLY E 41 -15.88 -15.78 11.24
N PRO E 42 -14.55 -15.81 11.25
CA PRO E 42 -13.82 -16.54 10.20
C PRO E 42 -14.36 -17.94 10.04
N GLN E 43 -14.56 -18.35 8.79
CA GLN E 43 -15.03 -19.71 8.57
C GLN E 43 -13.89 -20.69 8.80
N ASP E 44 -14.26 -21.95 8.99
CA ASP E 44 -13.34 -22.98 9.50
C ASP E 44 -12.85 -22.63 10.91
N SER E 45 -13.66 -21.90 11.66
CA SER E 45 -13.33 -21.46 13.01
C SER E 45 -14.56 -21.63 13.89
N PRO E 46 -14.38 -21.77 15.21
CA PRO E 46 -15.53 -21.91 16.11
C PRO E 46 -16.47 -20.71 16.14
N PHE E 47 -16.19 -19.65 15.39
CA PHE E 47 -17.04 -18.48 15.35
C PHE E 47 -17.70 -18.31 13.98
N GLU E 48 -17.58 -19.32 13.13
CA GLU E 48 -18.28 -19.39 11.85
C GLU E 48 -19.75 -19.09 12.04
N GLY E 49 -20.24 -18.07 11.33
CA GLY E 49 -21.58 -17.57 11.56
C GLY E 49 -21.64 -16.77 12.84
N GLY E 50 -21.19 -15.51 12.78
CA GLY E 50 -21.13 -14.69 13.97
C GLY E 50 -21.31 -13.23 13.64
N THR E 51 -21.77 -12.49 14.65
CA THR E 51 -22.01 -11.05 14.57
C THR E 51 -21.31 -10.43 15.77
N PHE E 52 -20.03 -10.10 15.61
CA PHE E 52 -19.20 -9.58 16.68
C PHE E 52 -19.06 -8.06 16.50
N LYS E 53 -19.69 -7.29 17.40
CA LYS E 53 -19.57 -5.84 17.40
C LYS E 53 -18.58 -5.43 18.48
N LEU E 54 -17.79 -4.39 18.19
CA LEU E 54 -16.67 -4.01 19.06
C LEU E 54 -16.46 -2.51 19.02
N GLU E 55 -16.12 -1.95 20.17
CA GLU E 55 -15.95 -0.51 20.33
C GLU E 55 -14.46 -0.18 20.35
N LEU E 56 -13.94 0.31 19.23
CA LEU E 56 -12.57 0.78 19.11
C LEU E 56 -12.52 2.27 19.43
N PHE E 57 -11.47 2.69 20.13
CA PHE E 57 -11.37 4.04 20.65
C PHE E 57 -10.00 4.62 20.35
N LEU E 58 -9.95 5.80 19.74
CA LEU E 58 -8.71 6.54 19.51
C LEU E 58 -8.56 7.61 20.57
N PRO E 59 -7.66 7.46 21.54
CA PRO E 59 -7.58 8.48 22.59
C PRO E 59 -6.96 9.78 22.12
N GLU E 60 -6.89 10.77 23.02
CA GLU E 60 -6.40 12.10 22.67
C GLU E 60 -5.01 12.08 22.05
N GLU E 61 -4.24 11.02 22.27
CA GLU E 61 -2.85 10.96 21.85
C GLU E 61 -2.65 10.16 20.56
N TYR E 62 -3.71 9.57 20.03
CA TYR E 62 -3.61 8.88 18.75
C TYR E 62 -3.05 9.82 17.69
N PRO E 63 -2.10 9.37 16.87
CA PRO E 63 -1.59 7.99 16.78
C PRO E 63 -0.28 7.74 17.55
N MET E 64 0.06 8.63 18.50
CA MET E 64 1.19 8.34 19.38
C MET E 64 0.88 7.15 20.26
N ALA E 65 -0.32 7.10 20.83
CA ALA E 65 -0.78 5.95 21.59
C ALA E 65 -1.50 4.97 20.68
N ALA E 66 -1.47 3.70 21.06
CA ALA E 66 -2.28 2.72 20.38
C ALA E 66 -3.75 2.89 20.76
N PRO E 67 -4.67 2.50 19.89
CA PRO E 67 -6.09 2.58 20.25
C PRO E 67 -6.49 1.50 21.22
N LYS E 68 -7.42 1.83 22.11
CA LYS E 68 -8.02 0.86 23.02
C LYS E 68 -9.28 0.28 22.37
N VAL E 69 -9.41 -1.05 22.42
CA VAL E 69 -10.49 -1.76 21.75
C VAL E 69 -11.07 -2.81 22.69
N ARG E 70 -12.35 -3.12 22.49
CA ARG E 70 -13.10 -3.87 23.49
C ARG E 70 -14.32 -4.55 22.86
N PHE E 71 -14.57 -5.79 23.24
CA PHE E 71 -15.74 -6.53 22.79
C PHE E 71 -16.96 -6.13 23.62
N MET E 72 -18.11 -6.01 22.94
CA MET E 72 -19.41 -5.92 23.58
C MET E 72 -20.19 -7.21 23.49
N THR E 73 -20.17 -7.83 22.31
CA THR E 73 -20.59 -9.21 22.16
C THR E 73 -19.90 -10.08 23.21
N LYS E 74 -20.70 -10.84 23.96
CA LYS E 74 -20.12 -11.87 24.79
C LYS E 74 -19.36 -12.86 23.91
N ILE E 75 -18.24 -13.37 24.42
CA ILE E 75 -17.36 -14.16 23.58
C ILE E 75 -16.52 -15.08 24.47
N TYR E 76 -16.35 -16.32 23.99
CA TYR E 76 -15.57 -17.34 24.69
C TYR E 76 -14.23 -17.46 23.98
N HIS E 77 -13.30 -16.58 24.34
CA HIS E 77 -12.01 -16.50 23.68
C HIS E 77 -10.90 -16.32 24.72
N PRO E 78 -9.84 -17.13 24.68
CA PRO E 78 -8.82 -17.05 25.73
C PRO E 78 -8.12 -15.71 25.80
N ASN E 79 -8.03 -15.01 24.68
CA ASN E 79 -7.36 -13.71 24.62
C ASN E 79 -8.33 -12.55 24.85
N VAL E 80 -9.53 -12.84 25.33
CA VAL E 80 -10.48 -11.82 25.77
C VAL E 80 -10.84 -12.13 27.21
N ASP E 81 -10.75 -11.13 28.08
CA ASP E 81 -11.09 -11.36 29.48
C ASP E 81 -12.59 -11.12 29.66
N LYS E 82 -12.99 -10.73 30.87
CA LYS E 82 -14.39 -10.72 31.25
C LYS E 82 -15.04 -9.34 31.22
N LEU E 83 -14.39 -8.33 30.62
CA LEU E 83 -15.05 -7.06 30.33
C LEU E 83 -14.84 -6.65 28.87
N GLY E 84 -14.51 -7.60 28.00
CA GLY E 84 -14.42 -7.37 26.58
C GLY E 84 -13.08 -6.88 26.08
N ARG E 85 -12.21 -6.40 26.97
CA ARG E 85 -10.96 -5.81 26.53
C ARG E 85 -10.02 -6.85 25.95
N ILE E 86 -9.24 -6.45 24.95
CA ILE E 86 -8.19 -7.27 24.37
C ILE E 86 -6.84 -6.65 24.76
N CYS E 87 -5.75 -7.27 24.30
CA CYS E 87 -4.39 -6.97 24.76
C CYS E 87 -3.66 -5.93 23.93
N LEU E 88 -3.77 -6.01 22.61
CA LEU E 88 -3.01 -5.19 21.64
C LEU E 88 -1.51 -5.26 21.87
N ASP E 89 -1.01 -6.23 22.62
CA ASP E 89 0.38 -6.19 23.07
C ASP E 89 1.32 -6.72 21.99
N ILE E 90 2.36 -5.93 21.72
CA ILE E 90 3.27 -6.08 20.59
C ILE E 90 4.57 -6.69 21.07
N LEU E 91 5.19 -7.50 20.23
CA LEU E 91 6.31 -8.37 20.63
C LEU E 91 7.64 -7.68 20.34
N LYS E 92 8.37 -7.34 21.40
CA LYS E 92 9.73 -6.78 21.29
C LYS E 92 9.73 -5.54 20.42
N ASP E 93 8.69 -4.73 20.59
CA ASP E 93 8.47 -3.53 19.80
C ASP E 93 7.40 -2.74 20.55
N ALA E 94 7.15 -1.53 20.08
CA ALA E 94 6.12 -0.70 20.68
C ALA E 94 5.29 -0.06 19.58
N TRP E 95 4.09 0.36 19.94
CA TRP E 95 3.24 1.07 19.00
C TRP E 95 3.92 2.37 18.57
N SER E 96 3.75 2.71 17.29
CA SER E 96 4.22 3.98 16.75
C SER E 96 3.27 4.38 15.63
N PRO E 97 3.25 5.66 15.26
CA PRO E 97 2.31 6.11 14.22
C PRO E 97 2.48 5.41 12.87
N ALA E 98 3.53 4.62 12.66
CA ALA E 98 3.65 3.87 11.41
C ALA E 98 2.57 2.82 11.26
N LEU E 99 1.90 2.45 12.35
CA LEU E 99 0.80 1.49 12.33
C LEU E 99 -0.53 2.23 12.29
N GLN E 100 -1.53 1.60 11.67
CA GLN E 100 -2.81 2.24 11.40
C GLN E 100 -3.95 1.48 12.09
N ILE E 101 -5.15 2.02 11.90
CA ILE E 101 -6.37 1.34 12.34
C ILE E 101 -6.58 0.06 11.55
N ARG E 102 -6.32 0.10 10.24
CA ARG E 102 -6.55 -1.06 9.39
C ARG E 102 -5.76 -2.27 9.87
N THR E 103 -4.53 -2.05 10.36
CA THR E 103 -3.73 -3.16 10.84
C THR E 103 -4.21 -3.68 12.18
N VAL E 104 -4.81 -2.83 13.01
CA VAL E 104 -5.31 -3.28 14.29
C VAL E 104 -6.50 -4.23 14.10
N LEU E 105 -7.40 -3.89 13.17
CA LEU E 105 -8.56 -4.74 12.93
C LEU E 105 -8.17 -6.01 12.17
N LEU E 106 -7.20 -5.90 11.27
CA LEU E 106 -6.69 -7.09 10.58
C LEU E 106 -6.22 -8.15 11.56
N SER E 107 -5.71 -7.75 12.72
CA SER E 107 -5.19 -8.67 13.72
C SER E 107 -6.27 -9.17 14.67
N ILE E 108 -7.24 -8.32 15.03
CA ILE E 108 -8.39 -8.80 15.79
C ILE E 108 -9.11 -9.89 14.99
N GLN E 109 -9.20 -9.71 13.68
CA GLN E 109 -9.82 -10.73 12.83
C GLN E 109 -9.01 -12.02 12.83
N ALA E 110 -7.68 -11.91 12.72
CA ALA E 110 -6.83 -13.09 12.79
C ALA E 110 -6.79 -13.68 14.20
N LEU E 111 -7.15 -12.90 15.21
CA LEU E 111 -7.17 -13.41 16.58
C LEU E 111 -8.33 -14.37 16.78
N LEU E 112 -9.52 -14.00 16.32
CA LEU E 112 -10.66 -14.92 16.37
C LEU E 112 -10.39 -16.16 15.54
N SER E 113 -9.73 -15.99 14.39
CA SER E 113 -9.43 -17.11 13.52
C SER E 113 -8.39 -18.06 14.10
N ALA E 114 -7.61 -17.60 15.09
CA ALA E 114 -6.59 -18.44 15.69
C ALA E 114 -6.29 -17.96 17.11
N PRO E 115 -7.07 -18.39 18.10
CA PRO E 115 -6.80 -17.97 19.48
C PRO E 115 -5.48 -18.55 19.99
N ASN E 116 -4.85 -17.82 20.90
CA ASN E 116 -3.65 -18.29 21.57
C ASN E 116 -4.01 -18.66 23.00
N PRO E 117 -4.22 -19.95 23.31
CA PRO E 117 -4.48 -20.32 24.71
C PRO E 117 -3.25 -20.21 25.58
N ASP E 118 -2.10 -20.65 25.06
CA ASP E 118 -0.86 -20.57 25.80
C ASP E 118 -0.57 -19.13 26.24
N ASP E 119 -1.19 -18.15 25.58
CA ASP E 119 -0.97 -16.73 25.88
C ASP E 119 -1.15 -16.44 27.38
N PRO E 120 -2.34 -16.54 28.02
CA PRO E 120 -2.29 -16.47 29.48
C PRO E 120 -2.53 -17.84 30.11
N LEU E 121 -2.32 -17.96 31.40
CA LEU E 121 -3.05 -19.03 32.06
C LEU E 121 -3.60 -18.57 33.40
N ALA E 122 -3.93 -17.29 33.48
CA ALA E 122 -4.71 -16.68 34.55
C ALA E 122 -6.16 -16.49 34.13
N ASN E 123 -6.57 -17.04 32.99
CA ASN E 123 -7.95 -17.00 32.54
C ASN E 123 -8.46 -18.42 32.44
N ASP E 124 -9.63 -18.66 33.04
CA ASP E 124 -10.20 -20.01 33.05
C ASP E 124 -10.43 -20.52 31.63
N VAL E 125 -10.78 -19.61 30.71
CA VAL E 125 -10.99 -19.98 29.32
C VAL E 125 -9.69 -20.50 28.73
N ALA E 126 -8.58 -19.81 29.01
CA ALA E 126 -7.27 -20.24 28.51
C ALA E 126 -6.95 -21.66 28.96
N GLU E 127 -7.09 -21.94 30.26
CA GLU E 127 -6.83 -23.28 30.78
C GLU E 127 -7.70 -24.32 30.08
N GLN E 128 -8.94 -23.95 29.75
CA GLN E 128 -9.83 -24.89 29.07
C GLN E 128 -9.44 -25.07 27.61
N TRP E 129 -8.83 -24.06 26.99
CA TRP E 129 -8.43 -24.20 25.60
C TRP E 129 -7.20 -25.10 25.43
N LYS E 130 -6.49 -25.40 26.50
CA LYS E 130 -5.40 -26.38 26.39
C LYS E 130 -5.75 -27.71 27.04
N THR E 131 -6.47 -27.68 28.16
CA THR E 131 -6.96 -28.93 28.73
C THR E 131 -7.82 -29.69 27.71
N ASN E 132 -8.95 -29.08 27.31
CA ASN E 132 -9.84 -29.64 26.29
C ASN E 132 -10.07 -28.63 25.17
N GLU E 133 -9.18 -28.60 24.18
CA GLU E 133 -9.43 -27.78 22.99
C GLU E 133 -10.62 -28.28 22.19
N ALA E 134 -11.07 -29.51 22.45
CA ALA E 134 -12.24 -30.05 21.75
C ALA E 134 -13.54 -29.70 22.47
N GLN E 135 -13.50 -29.54 23.78
CA GLN E 135 -14.69 -29.09 24.49
C GLN E 135 -14.71 -27.59 24.72
N ALA E 136 -13.61 -26.89 24.40
CA ALA E 136 -13.62 -25.44 24.43
C ALA E 136 -14.11 -24.84 23.12
N ILE E 137 -13.92 -25.54 21.99
CA ILE E 137 -14.43 -25.02 20.73
C ILE E 137 -15.95 -25.08 20.69
N GLU E 138 -16.53 -26.14 21.26
CA GLU E 138 -17.97 -26.27 21.28
C GLU E 138 -18.62 -25.24 22.21
N THR E 139 -17.99 -25.00 23.36
CA THR E 139 -18.40 -23.89 24.21
C THR E 139 -18.33 -22.57 23.45
N ALA E 140 -17.34 -22.44 22.57
CA ALA E 140 -17.25 -21.25 21.73
C ALA E 140 -18.32 -21.27 20.64
N ARG E 141 -18.57 -22.43 20.05
CA ARG E 141 -19.64 -22.55 19.05
C ARG E 141 -20.99 -22.28 19.66
N ALA E 142 -21.18 -22.66 20.94
CA ALA E 142 -22.45 -22.40 21.62
C ALA E 142 -22.56 -20.97 22.12
N TRP E 143 -21.43 -20.37 22.51
CA TRP E 143 -21.45 -18.96 22.91
C TRP E 143 -21.74 -18.06 21.71
N THR E 144 -21.34 -18.48 20.50
CA THR E 144 -21.67 -17.72 19.31
C THR E 144 -23.13 -17.89 18.93
N ARG E 145 -23.66 -19.10 19.07
CA ARG E 145 -25.10 -19.31 18.92
C ARG E 145 -25.88 -18.41 19.87
N LEU E 146 -25.50 -18.43 21.15
CA LEU E 146 -26.35 -17.83 22.17
C LEU E 146 -26.22 -16.30 22.18
N TYR E 147 -25.05 -15.77 21.83
CA TYR E 147 -24.82 -14.33 21.91
C TYR E 147 -24.47 -13.64 20.60
N ALA E 148 -24.02 -14.35 19.56
CA ALA E 148 -23.51 -13.72 18.35
C ALA E 148 -24.44 -13.95 17.14
N MET E 149 -25.73 -14.12 17.40
CA MET E 149 -26.72 -14.32 16.34
C MET E 149 -27.87 -13.33 16.55
N ASN E 150 -27.60 -12.05 16.31
CA ASN E 150 -28.63 -11.02 16.37
C ASN E 150 -29.13 -10.88 17.80
N SER F 3 27.17 10.75 40.09
CA SER F 3 27.20 9.29 40.09
C SER F 3 26.73 8.72 41.41
N MET F 4 25.86 7.71 41.33
CA MET F 4 25.40 6.98 42.50
C MET F 4 25.21 5.53 42.09
N GLN F 5 24.85 4.69 43.07
CA GLN F 5 24.73 3.25 42.85
C GLN F 5 23.33 2.80 43.21
N ILE F 6 22.72 2.01 42.33
CA ILE F 6 21.43 1.37 42.58
C ILE F 6 21.59 -0.13 42.38
N PHE F 7 20.59 -0.87 42.83
CA PHE F 7 20.61 -2.33 42.79
C PHE F 7 19.47 -2.87 41.94
N VAL F 8 19.73 -3.96 41.24
CA VAL F 8 18.73 -4.68 40.47
C VAL F 8 18.74 -6.14 40.93
N LYS F 9 17.55 -6.71 41.13
CA LYS F 9 17.41 -7.97 41.83
C LYS F 9 16.45 -8.89 41.09
N THR F 10 16.79 -10.17 41.02
CA THR F 10 16.01 -11.16 40.30
C THR F 10 15.33 -12.14 41.26
N LEU F 11 14.40 -12.92 40.71
CA LEU F 11 13.65 -13.88 41.52
C LEU F 11 14.56 -14.95 42.11
N THR F 12 15.65 -15.28 41.43
CA THR F 12 16.58 -16.30 41.93
C THR F 12 17.50 -15.77 43.02
N GLY F 13 17.36 -14.51 43.41
CA GLY F 13 18.12 -13.95 44.50
C GLY F 13 19.37 -13.18 44.11
N LYS F 14 19.69 -13.12 42.82
CA LYS F 14 20.91 -12.45 42.39
C LYS F 14 20.75 -10.94 42.49
N THR F 15 21.77 -10.27 43.03
CA THR F 15 21.80 -8.83 43.13
C THR F 15 22.76 -8.27 42.09
N ILE F 16 22.28 -7.29 41.32
CA ILE F 16 23.10 -6.59 40.33
C ILE F 16 23.34 -5.18 40.84
N THR F 17 24.60 -4.73 40.78
CA THR F 17 24.99 -3.41 41.23
C THR F 17 25.38 -2.56 40.04
N LEU F 18 24.76 -1.39 39.91
CA LEU F 18 24.95 -0.50 38.76
C LEU F 18 25.23 0.92 39.22
N GLU F 19 26.13 1.60 38.50
CA GLU F 19 26.41 3.01 38.70
C GLU F 19 25.61 3.83 37.69
N VAL F 20 24.93 4.87 38.18
CA VAL F 20 23.95 5.60 37.37
C VAL F 20 23.98 7.08 37.76
N GLU F 21 23.23 7.88 36.99
CA GLU F 21 22.98 9.29 37.25
C GLU F 21 21.48 9.55 37.20
N PRO F 22 20.95 10.43 38.06
CA PRO F 22 19.50 10.63 38.10
C PRO F 22 18.89 11.09 36.79
N SER F 23 19.72 11.54 35.85
CA SER F 23 19.26 11.95 34.53
C SER F 23 19.38 10.84 33.50
N ASP F 24 19.50 9.58 33.95
CA ASP F 24 19.58 8.46 33.03
C ASP F 24 18.19 7.92 32.75
N THR F 25 18.02 7.34 31.56
CA THR F 25 16.74 6.76 31.20
C THR F 25 16.55 5.42 31.90
N ILE F 26 15.31 4.92 31.85
CA ILE F 26 15.10 3.51 32.14
C ILE F 26 15.72 2.67 31.03
N GLU F 27 15.58 3.12 29.78
CA GLU F 27 16.22 2.47 28.65
C GLU F 27 17.72 2.35 28.86
N ASN F 28 18.35 3.42 29.36
CA ASN F 28 19.79 3.39 29.61
C ASN F 28 20.14 2.36 30.67
N VAL F 29 19.28 2.19 31.67
CA VAL F 29 19.54 1.21 32.72
C VAL F 29 19.46 -0.20 32.15
N LYS F 30 18.41 -0.50 31.39
CA LYS F 30 18.24 -1.83 30.80
C LYS F 30 19.45 -2.22 29.97
N ALA F 31 20.02 -1.27 29.23
CA ALA F 31 21.19 -1.54 28.40
C ALA F 31 22.44 -1.77 29.24
N LYS F 32 22.48 -1.24 30.46
CA LYS F 32 23.58 -1.57 31.37
C LYS F 32 23.38 -2.94 32.01
N ILE F 33 22.13 -3.34 32.21
CA ILE F 33 21.85 -4.73 32.59
C ILE F 33 22.25 -5.68 31.47
N GLN F 34 22.04 -5.25 30.21
CA GLN F 34 22.53 -6.03 29.08
C GLN F 34 24.04 -6.13 29.08
N ASP F 35 24.71 -5.02 29.43
CA ASP F 35 26.17 -5.05 29.56
C ASP F 35 26.61 -6.12 30.57
N LYS F 36 25.86 -6.28 31.66
CA LYS F 36 26.28 -7.11 32.77
C LYS F 36 25.71 -8.52 32.75
N GLU F 37 24.47 -8.69 32.27
CA GLU F 37 23.82 -9.99 32.30
C GLU F 37 23.56 -10.58 30.92
N GLY F 38 23.86 -9.84 29.84
CA GLY F 38 23.62 -10.35 28.51
C GLY F 38 22.16 -10.45 28.13
N ILE F 39 21.29 -9.78 28.86
CA ILE F 39 19.84 -9.83 28.60
C ILE F 39 19.48 -8.64 27.72
N PRO F 40 18.94 -8.87 26.53
CA PRO F 40 18.57 -7.75 25.66
C PRO F 40 17.46 -6.93 26.26
N PRO F 41 17.48 -5.60 26.09
CA PRO F 41 16.47 -4.74 26.73
C PRO F 41 15.03 -5.13 26.44
N ASP F 42 14.74 -5.63 25.24
CA ASP F 42 13.40 -6.08 24.94
C ASP F 42 12.97 -7.26 25.82
N GLN F 43 13.89 -8.03 26.38
CA GLN F 43 13.56 -9.21 27.22
C GLN F 43 13.52 -8.89 28.73
N GLN F 44 13.21 -7.65 29.11
CA GLN F 44 13.24 -7.34 30.52
C GLN F 44 12.32 -6.17 30.83
N ARG F 45 11.76 -6.19 32.02
CA ARG F 45 10.98 -5.08 32.56
C ARG F 45 11.51 -4.74 33.95
N LEU F 46 11.32 -3.49 34.35
CA LEU F 46 11.83 -2.96 35.60
C LEU F 46 10.69 -2.40 36.45
N ILE F 47 10.70 -2.73 37.74
CA ILE F 47 9.66 -2.32 38.67
C ILE F 47 10.34 -1.71 39.89
N PHE F 48 9.86 -0.54 40.31
CA PHE F 48 10.22 0.06 41.60
C PHE F 48 8.95 0.15 42.44
N ALA F 49 8.97 -0.50 43.62
CA ALA F 49 7.86 -0.49 44.56
C ALA F 49 6.50 -0.55 43.88
N GLY F 50 6.25 -1.62 43.13
CA GLY F 50 4.95 -1.86 42.55
C GLY F 50 4.73 -1.22 41.19
N LYS F 51 5.40 -0.11 40.92
CA LYS F 51 5.17 0.65 39.68
C LYS F 51 6.08 0.10 38.58
N GLN F 52 5.47 -0.39 37.50
CA GLN F 52 6.24 -0.75 36.32
C GLN F 52 6.90 0.51 35.76
N LEU F 53 8.21 0.41 35.52
CA LEU F 53 8.98 1.56 35.04
C LEU F 53 8.94 1.57 33.51
N GLU F 54 8.27 2.57 32.94
CA GLU F 54 8.21 2.66 31.48
C GLU F 54 9.51 3.22 30.93
N ASP F 55 9.74 2.99 29.64
CA ASP F 55 11.08 3.09 29.07
C ASP F 55 11.55 4.53 28.90
N GLY F 56 10.63 5.48 28.66
CA GLY F 56 11.05 6.82 28.29
C GLY F 56 11.55 7.68 29.44
N ARG F 57 11.14 7.37 30.67
CA ARG F 57 11.31 8.28 31.79
C ARG F 57 12.73 8.17 32.36
N THR F 58 12.97 8.84 33.49
CA THR F 58 14.29 8.91 34.12
C THR F 58 14.21 8.46 35.57
N LEU F 59 15.36 8.41 36.23
CA LEU F 59 15.45 7.75 37.53
C LEU F 59 14.60 8.47 38.58
N SER F 60 14.84 9.77 38.80
CA SER F 60 14.03 10.48 39.78
C SER F 60 12.73 11.05 39.20
N ASP F 61 12.39 10.70 37.96
CA ASP F 61 11.01 10.81 37.54
C ASP F 61 10.14 9.86 38.37
N TYR F 62 10.72 8.76 38.85
CA TYR F 62 10.13 7.89 39.85
C TYR F 62 10.75 8.08 41.22
N ASN F 63 11.66 9.04 41.37
CA ASN F 63 12.34 9.32 42.64
C ASN F 63 13.22 8.15 43.09
N ILE F 64 14.06 7.67 42.16
CA ILE F 64 14.98 6.55 42.45
C ILE F 64 16.26 7.17 43.02
N GLN F 65 16.26 7.39 44.32
CA GLN F 65 17.40 8.00 44.98
C GLN F 65 18.48 6.96 45.26
N LYS F 66 19.52 7.38 45.97
CA LYS F 66 20.70 6.56 46.24
C LYS F 66 20.32 5.19 46.77
N GLU F 67 20.90 4.15 46.16
CA GLU F 67 20.83 2.78 46.66
C GLU F 67 19.41 2.27 46.78
N SER F 68 18.51 2.76 45.92
CA SER F 68 17.22 2.13 45.77
C SER F 68 17.40 0.72 45.22
N THR F 69 16.33 -0.07 45.28
CA THR F 69 16.36 -1.44 44.78
C THR F 69 15.27 -1.61 43.73
N LEU F 70 15.68 -1.96 42.51
CA LEU F 70 14.76 -2.27 41.42
C LEU F 70 14.65 -3.78 41.27
N HIS F 71 13.49 -4.22 40.79
CA HIS F 71 13.24 -5.63 40.54
C HIS F 71 13.16 -5.87 39.05
N LEU F 72 13.99 -6.77 38.54
CA LEU F 72 14.06 -7.07 37.12
C LEU F 72 13.13 -8.26 36.84
N VAL F 73 12.11 -8.02 36.02
CA VAL F 73 11.06 -8.99 35.75
C VAL F 73 11.25 -9.55 34.36
N LEU F 74 11.33 -10.88 34.25
CA LEU F 74 11.64 -11.58 33.01
C LEU F 74 10.48 -12.47 32.54
N ARG F 75 9.27 -12.19 33.00
CA ARG F 75 8.05 -12.77 32.45
C ARG F 75 7.07 -11.62 32.25
N LEU F 76 6.22 -11.73 31.22
CA LEU F 76 5.35 -10.61 30.85
C LEU F 76 4.04 -10.71 31.63
N ARG F 77 3.80 -9.72 32.49
CA ARG F 77 2.49 -9.53 33.09
C ARG F 77 1.48 -9.16 32.01
#